data_9JJ4
#
_entry.id   9JJ4
#
_cell.length_a   87.719
_cell.length_b   87.719
_cell.length_c   226.086
_cell.angle_alpha   90.00
_cell.angle_beta   90.00
_cell.angle_gamma   90.00
#
_symmetry.space_group_name_H-M   'P 41 21 2'
#
loop_
_entity.id
_entity.type
_entity.pdbx_description
1 polymer 'NADP-dependent oxidoreductase'
2 non-polymer 'NADP NICOTINAMIDE-ADENINE-DINUCLEOTIDE PHOSPHATE'
3 non-polymer (1Z,3E,5S,7S,8R,9S,10S,11R,13R,15R,16S,18Z,25S)-11-ethyl-2,7-dihydroxy-10-methyl-21,26-diazapentacyclo[23.2.1.09,13.08,15.05,16]octacosa-1(2),3,18-triene-20,27,28-trione
4 water water
#
_entity_poly.entity_id   1
_entity_poly.type   'polypeptide(L)'
_entity_poly.pdbx_seq_one_letter_code
;LGSMKTERWVVREHVEGVPDAARIYEKVETELNTRLGEEQMLLKTLYVSVDPYLQGICLDTPIGDHMGADSIMQVLDAGP
NAPFRPGDLVQGFGGWRTHLVSDGKPKLWQTGTFPMVFPAYRKLDLRHYDDALPLSTALGVMGGPGMTAWGTMTKFMQVR
PGDTVVVSGASGMIGTLVGQMAKRAGARVVGTAGSAGKARYLSQLGFDAVIDYKLADDADKMREALREAAPDGVDKYFDS
IGGSVTDAVFSMLNVGSQVAVCWQWATQVQRDYHGPRLLPYIMFPRATIRGIFSLEWFTEQNWSALHEELGGLVRRQELV
AHETVQDGFEHIPAAYQTLFSASESNRGKVLVRV
;
_entity_poly.pdbx_strand_id   A,B
#
loop_
_chem_comp.id
_chem_comp.type
_chem_comp.name
_chem_comp.formula
E8T non-polymer (1Z,3E,5S,7S,8R,9S,10S,11R,13R,15R,16S,18Z,25S)-11-ethyl-2,7-dihydroxy-10-methyl-21,26-diazapentacyclo[23.2.1.09,13.08,15.05,16]octacosa-1(2),3,18-triene-20,27,28-trione 'C29 H40 N2 O5'
NAP non-polymer 'NADP NICOTINAMIDE-ADENINE-DINUCLEOTIDE PHOSPHATE' 'C21 H28 N7 O17 P3'
#
# COMPACT_ATOMS: atom_id res chain seq x y z
N LEU A 1 42.35 21.87 -29.54
CA LEU A 1 40.91 21.80 -29.76
C LEU A 1 40.56 20.56 -30.60
N GLY A 2 40.77 19.39 -30.00
CA GLY A 2 40.57 18.13 -30.68
C GLY A 2 39.14 17.62 -30.58
N SER A 3 38.93 16.50 -31.25
CA SER A 3 37.63 15.85 -31.29
C SER A 3 37.86 14.41 -31.72
N MET A 4 36.87 13.56 -31.48
CA MET A 4 37.01 12.16 -31.79
C MET A 4 35.72 11.62 -32.38
N LYS A 5 35.87 10.55 -33.15
CA LYS A 5 34.74 9.82 -33.72
C LYS A 5 34.14 8.88 -32.68
N THR A 6 32.83 8.99 -32.48
CA THR A 6 32.06 8.11 -31.62
C THR A 6 30.81 7.64 -32.36
N GLU A 7 30.28 6.49 -31.96
CA GLU A 7 29.00 6.04 -32.47
C GLU A 7 27.94 6.10 -31.37
N ARG A 8 26.71 6.37 -31.76
CA ARG A 8 25.61 6.48 -30.81
C ARG A 8 24.35 5.82 -31.39
N TRP A 9 23.56 5.22 -30.51
CA TRP A 9 22.21 4.80 -30.85
C TRP A 9 21.23 5.88 -30.38
N VAL A 10 20.40 6.35 -31.30
CA VAL A 10 19.51 7.46 -31.02
C VAL A 10 18.07 7.04 -31.27
N VAL A 11 17.16 7.78 -30.63
CA VAL A 11 15.74 7.47 -30.73
C VAL A 11 15.22 8.05 -32.04
N ARG A 12 14.95 7.18 -33.01
CA ARG A 12 14.34 7.61 -34.27
C ARG A 12 12.87 7.98 -34.06
N GLU A 13 12.12 7.15 -33.33
CA GLU A 13 10.67 7.19 -33.39
C GLU A 13 10.06 6.67 -32.08
N HIS A 14 8.88 7.18 -31.74
CA HIS A 14 8.16 6.79 -30.54
C HIS A 14 7.01 5.84 -30.88
N VAL A 15 7.09 4.62 -30.35
CA VAL A 15 6.05 3.59 -30.49
C VAL A 15 5.80 2.98 -29.12
N GLU A 16 4.57 3.08 -28.64
CA GLU A 16 4.23 2.52 -27.34
C GLU A 16 4.13 0.99 -27.42
N GLY A 17 3.82 0.41 -26.26
CA GLY A 17 3.71 -1.03 -26.16
C GLY A 17 5.07 -1.71 -26.22
N VAL A 18 5.06 -2.92 -26.75
CA VAL A 18 6.32 -3.64 -26.96
C VAL A 18 7.10 -2.92 -28.05
N PRO A 19 8.27 -2.36 -27.74
CA PRO A 19 9.01 -1.62 -28.76
C PRO A 19 9.73 -2.58 -29.69
N ASP A 20 9.92 -2.07 -30.90
CA ASP A 20 10.49 -2.81 -32.01
C ASP A 20 11.88 -2.25 -32.31
N ALA A 21 12.88 -2.69 -31.53
CA ALA A 21 14.22 -2.11 -31.51
C ALA A 21 14.75 -1.75 -32.90
N ALA A 22 14.49 -2.61 -33.88
CA ALA A 22 14.92 -2.33 -35.25
C ALA A 22 14.32 -1.04 -35.80
N ARG A 23 13.25 -0.54 -35.18
CA ARG A 23 12.49 0.60 -35.69
C ARG A 23 12.68 1.88 -34.90
N ILE A 24 12.94 1.78 -33.59
CA ILE A 24 13.05 2.96 -32.73
C ILE A 24 14.46 3.56 -32.74
N TYR A 25 15.48 2.75 -33.00
CA TYR A 25 16.86 3.12 -32.76
C TYR A 25 17.65 3.13 -34.07
N GLU A 26 18.42 4.20 -34.28
CA GLU A 26 19.28 4.33 -35.45
C GLU A 26 20.70 4.63 -34.99
N LYS A 27 21.67 3.92 -35.58
CA LYS A 27 23.08 4.04 -35.22
C LYS A 27 23.75 5.13 -36.04
N VAL A 28 24.23 6.17 -35.36
CA VAL A 28 24.84 7.31 -36.02
C VAL A 28 26.28 7.46 -35.57
N GLU A 29 27.12 8.01 -36.45
CA GLU A 29 28.45 8.47 -36.09
C GLU A 29 28.36 9.92 -35.59
N THR A 30 29.22 10.26 -34.63
CA THR A 30 29.13 11.57 -33.99
C THR A 30 30.53 12.06 -33.60
N GLU A 31 30.82 13.33 -33.94
CA GLU A 31 32.06 13.96 -33.51
C GLU A 31 31.90 14.47 -32.08
N LEU A 32 32.80 14.06 -31.20
CA LEU A 32 32.71 14.41 -29.78
C LEU A 32 33.86 15.33 -29.43
N ASN A 33 33.55 16.49 -28.88
CA ASN A 33 34.62 17.40 -28.52
C ASN A 33 35.36 16.86 -27.32
N THR A 34 36.68 16.68 -27.46
CA THR A 34 37.46 16.12 -26.39
C THR A 34 38.08 17.18 -25.48
N ARG A 35 37.55 18.40 -25.50
CA ARG A 35 38.04 19.49 -24.67
C ARG A 35 37.25 19.53 -23.38
N LEU A 36 37.93 19.39 -22.26
CA LEU A 36 37.27 19.16 -20.99
C LEU A 36 37.23 20.44 -20.15
N GLY A 37 36.07 20.72 -19.57
CA GLY A 37 35.99 21.68 -18.49
C GLY A 37 36.68 21.16 -17.24
N GLU A 38 36.81 22.04 -16.23
CA GLU A 38 37.74 21.78 -15.13
C GLU A 38 37.43 20.50 -14.37
N GLU A 39 36.17 20.06 -14.36
CA GLU A 39 35.86 18.82 -13.68
C GLU A 39 35.02 17.88 -14.55
N GLN A 40 35.13 18.01 -15.87
CA GLN A 40 34.56 17.06 -16.81
C GLN A 40 35.54 15.92 -17.07
N MET A 41 35.01 14.81 -17.61
CA MET A 41 35.79 13.64 -17.97
C MET A 41 35.38 13.13 -19.34
N LEU A 42 36.37 12.58 -20.06
CA LEU A 42 36.12 11.82 -21.29
C LEU A 42 36.08 10.32 -20.98
N LEU A 43 35.00 9.65 -21.39
CA LEU A 43 34.74 8.28 -20.96
C LEU A 43 34.55 7.34 -22.14
N LYS A 44 35.03 6.10 -21.97
CA LYS A 44 34.83 5.02 -22.93
C LYS A 44 33.90 3.98 -22.32
N THR A 45 32.87 3.58 -23.08
CA THR A 45 31.88 2.63 -22.60
C THR A 45 32.39 1.20 -22.71
N LEU A 46 32.43 0.48 -21.59
CA LEU A 46 32.87 -0.92 -21.59
C LEU A 46 31.72 -1.92 -21.59
N TYR A 47 30.63 -1.66 -20.87
CA TYR A 47 29.43 -2.48 -20.95
C TYR A 47 28.21 -1.58 -20.82
N VAL A 48 27.13 -1.97 -21.48
CA VAL A 48 25.84 -1.33 -21.24
C VAL A 48 24.81 -2.39 -20.86
N SER A 49 23.83 -1.97 -20.08
CA SER A 49 22.69 -2.77 -19.66
C SER A 49 21.52 -2.54 -20.61
N VAL A 50 20.72 -3.58 -20.83
CA VAL A 50 19.42 -3.45 -21.47
C VAL A 50 18.36 -3.92 -20.48
N ASP A 51 17.36 -3.07 -20.26
CA ASP A 51 16.37 -3.28 -19.26
C ASP A 51 14.99 -2.87 -19.76
N PRO A 52 13.95 -3.61 -19.35
CA PRO A 52 12.57 -3.20 -19.70
C PRO A 52 12.21 -1.77 -19.34
N TYR A 53 12.68 -1.24 -18.20
CA TYR A 53 12.37 0.15 -17.86
C TYR A 53 12.86 1.14 -18.91
N LEU A 54 13.70 0.70 -19.85
CA LEU A 54 14.12 1.57 -20.94
C LEU A 54 12.98 1.88 -21.89
N GLN A 55 11.97 1.01 -21.98
CA GLN A 55 10.82 1.27 -22.83
C GLN A 55 10.16 2.61 -22.51
N GLY A 56 10.05 2.93 -21.23
CA GLY A 56 9.43 4.18 -20.84
C GLY A 56 10.42 5.31 -20.71
N ILE A 57 11.71 4.99 -20.66
CA ILE A 57 12.74 6.03 -20.78
C ILE A 57 12.75 6.58 -22.19
N CYS A 58 12.74 5.66 -23.16
CA CYS A 58 12.76 5.98 -24.58
C CYS A 58 11.56 6.83 -24.98
N LEU A 59 10.36 6.46 -24.55
CA LEU A 59 9.17 7.26 -24.83
C LEU A 59 9.19 8.63 -24.18
N ASP A 60 10.21 8.93 -23.36
CA ASP A 60 10.41 10.25 -22.79
C ASP A 60 11.67 10.91 -23.32
N THR A 61 12.37 10.26 -24.26
CA THR A 61 13.60 10.81 -24.82
C THR A 61 13.27 11.61 -26.08
N PRO A 62 13.65 12.89 -26.15
CA PRO A 62 13.45 13.65 -27.39
C PRO A 62 13.96 12.90 -28.62
N ILE A 63 13.18 12.95 -29.70
CA ILE A 63 13.58 12.27 -30.91
C ILE A 63 14.95 12.76 -31.34
N GLY A 64 15.81 11.83 -31.73
CA GLY A 64 17.17 12.14 -32.10
C GLY A 64 18.19 12.03 -30.99
N ASP A 65 17.77 12.05 -29.73
CA ASP A 65 18.75 11.95 -28.67
C ASP A 65 19.22 10.52 -28.47
N HIS A 66 20.32 10.37 -27.75
CA HIS A 66 20.82 9.03 -27.53
C HIS A 66 19.92 8.32 -26.52
N MET A 67 19.96 6.99 -26.56
CA MET A 67 19.19 6.16 -25.64
C MET A 67 19.93 6.09 -24.30
N GLY A 68 19.34 6.67 -23.24
CA GLY A 68 19.90 6.51 -21.92
C GLY A 68 19.93 5.04 -21.52
N ALA A 69 20.92 4.69 -20.69
CA ALA A 69 21.05 3.34 -20.16
C ALA A 69 22.15 3.30 -19.12
N ASP A 70 22.10 2.29 -18.25
CA ASP A 70 23.13 2.06 -17.26
C ASP A 70 24.38 1.48 -17.91
N SER A 71 25.56 1.92 -17.50
CA SER A 71 26.75 1.49 -18.22
C SER A 71 27.97 1.46 -17.31
N ILE A 72 29.03 0.82 -17.81
CA ILE A 72 30.33 0.81 -17.16
C ILE A 72 31.29 1.53 -18.08
N MET A 73 31.98 2.53 -17.55
CA MET A 73 32.81 3.41 -18.34
C MET A 73 34.19 3.50 -17.72
N GLN A 74 35.18 3.76 -18.58
CA GLN A 74 36.55 4.03 -18.17
C GLN A 74 36.96 5.44 -18.58
N VAL A 75 37.60 6.14 -17.63
CA VAL A 75 38.04 7.52 -17.85
C VAL A 75 39.29 7.52 -18.73
N LEU A 76 39.17 8.16 -19.90
CA LEU A 76 40.27 8.35 -20.84
C LEU A 76 41.03 9.63 -20.53
N ASP A 77 40.32 10.73 -20.26
CA ASP A 77 40.93 12.00 -19.92
C ASP A 77 40.05 12.74 -18.90
N ALA A 78 40.67 13.64 -18.13
CA ALA A 78 39.95 14.29 -17.04
C ALA A 78 40.56 15.66 -16.68
N GLY A 79 39.72 16.67 -16.57
CA GLY A 79 40.11 17.97 -16.11
C GLY A 79 40.65 17.97 -14.69
N PRO A 80 41.20 19.10 -14.27
CA PRO A 80 42.00 19.12 -13.03
C PRO A 80 41.20 18.88 -11.76
N ASN A 81 39.87 19.07 -11.78
CA ASN A 81 39.06 18.82 -10.60
C ASN A 81 38.02 17.73 -10.84
N ALA A 82 38.26 16.86 -11.83
CA ALA A 82 37.34 15.77 -12.10
C ALA A 82 37.31 14.82 -10.90
N PRO A 83 36.16 14.21 -10.64
CA PRO A 83 36.09 13.29 -9.49
C PRO A 83 36.96 12.05 -9.67
N PHE A 84 37.24 11.63 -10.90
CA PHE A 84 38.01 10.42 -11.13
C PHE A 84 39.15 10.69 -12.10
N ARG A 85 40.23 9.90 -11.97
CA ARG A 85 41.43 10.05 -12.80
C ARG A 85 41.36 9.11 -14.00
N PRO A 86 42.12 9.37 -15.06
CA PRO A 86 42.13 8.43 -16.19
C PRO A 86 42.46 7.03 -15.69
N GLY A 87 41.85 6.02 -16.33
CA GLY A 87 41.93 4.65 -15.87
C GLY A 87 40.82 4.22 -14.94
N ASP A 88 40.28 5.13 -14.14
CA ASP A 88 39.21 4.76 -13.21
C ASP A 88 38.00 4.23 -13.97
N LEU A 89 37.38 3.19 -13.39
CA LEU A 89 36.12 2.65 -13.88
C LEU A 89 34.96 3.21 -13.05
N VAL A 90 33.88 3.57 -13.76
CA VAL A 90 32.69 4.13 -13.15
C VAL A 90 31.43 3.43 -13.65
N GLN A 91 30.41 3.38 -12.80
CA GLN A 91 29.08 2.92 -13.17
C GLN A 91 28.12 4.11 -13.10
N GLY A 92 27.30 4.27 -14.14
CA GLY A 92 26.36 5.37 -14.19
C GLY A 92 25.56 5.34 -15.48
N PHE A 93 24.73 6.36 -15.69
CA PHE A 93 23.79 6.35 -16.82
C PHE A 93 24.44 6.91 -18.09
N GLY A 94 25.40 6.15 -18.61
CA GLY A 94 26.16 6.61 -19.76
C GLY A 94 25.38 6.62 -21.06
N GLY A 95 24.50 5.65 -21.25
CA GLY A 95 23.70 5.57 -22.47
C GLY A 95 24.34 4.68 -23.51
N TRP A 96 23.63 4.54 -24.64
CA TRP A 96 24.08 3.68 -25.74
C TRP A 96 25.03 4.47 -26.67
N ARG A 97 26.21 4.77 -26.13
CA ARG A 97 27.21 5.63 -26.74
C ARG A 97 28.58 5.02 -26.50
N THR A 98 29.42 5.01 -27.55
CA THR A 98 30.76 4.46 -27.41
C THR A 98 31.61 5.30 -26.48
N HIS A 99 31.50 6.61 -26.59
CA HIS A 99 32.22 7.53 -25.73
C HIS A 99 31.29 8.68 -25.42
N LEU A 100 31.67 9.47 -24.42
CA LEU A 100 30.87 10.60 -23.99
C LEU A 100 31.69 11.46 -23.05
N VAL A 101 31.27 12.70 -22.88
CA VAL A 101 31.85 13.61 -21.91
C VAL A 101 30.80 13.89 -20.85
N SER A 102 31.23 13.90 -19.59
CA SER A 102 30.34 14.20 -18.48
C SER A 102 31.21 14.53 -17.28
N ASP A 103 30.66 15.32 -16.35
CA ASP A 103 31.37 15.54 -15.08
C ASP A 103 30.96 14.53 -14.02
N GLY A 104 30.02 13.64 -14.36
CA GLY A 104 29.58 12.60 -13.45
C GLY A 104 28.76 13.10 -12.28
N LYS A 105 28.30 14.34 -12.31
CA LYS A 105 27.45 14.87 -11.24
C LYS A 105 25.99 14.39 -11.45
N PRO A 106 25.18 14.40 -10.39
CA PRO A 106 23.76 14.02 -10.55
C PRO A 106 23.05 14.95 -11.51
N LYS A 107 22.12 14.40 -12.30
CA LYS A 107 21.45 15.14 -13.35
C LYS A 107 19.96 14.81 -13.36
N LEU A 108 19.14 15.85 -13.42
CA LEU A 108 17.69 15.70 -13.48
C LEU A 108 17.26 15.02 -14.78
N TRP A 109 16.17 14.26 -14.72
CA TRP A 109 15.55 13.71 -15.92
C TRP A 109 14.38 14.64 -16.20
N GLN A 110 14.69 15.67 -17.00
CA GLN A 110 13.79 16.80 -17.21
C GLN A 110 12.45 16.34 -17.80
N THR A 111 12.50 15.56 -18.87
CA THR A 111 11.33 15.09 -19.60
C THR A 111 10.75 13.78 -19.03
N GLY A 112 11.10 13.42 -17.79
CA GLY A 112 10.51 12.26 -17.19
C GLY A 112 9.15 12.56 -16.61
N THR A 113 8.35 11.49 -16.49
CA THR A 113 7.06 11.61 -15.82
C THR A 113 7.18 12.25 -14.42
N PHE A 114 8.27 11.95 -13.71
CA PHE A 114 8.56 12.50 -12.39
C PHE A 114 9.85 13.29 -12.44
N PRO A 115 10.08 14.15 -11.47
CA PRO A 115 11.41 14.76 -11.34
C PRO A 115 12.41 13.76 -10.79
N MET A 116 12.83 12.86 -11.64
CA MET A 116 13.83 11.89 -11.30
C MET A 116 15.25 12.43 -11.49
N VAL A 117 16.16 11.98 -10.62
CA VAL A 117 17.52 12.48 -10.57
C VAL A 117 18.48 11.31 -10.72
N PHE A 118 19.10 11.20 -11.89
CA PHE A 118 20.06 10.13 -12.17
C PHE A 118 21.27 10.28 -11.26
N PRO A 119 21.74 9.20 -10.62
CA PRO A 119 22.81 9.35 -9.63
C PRO A 119 24.13 9.77 -10.27
N ALA A 120 24.93 10.46 -9.45
CA ALA A 120 26.35 10.62 -9.69
C ALA A 120 27.00 9.29 -10.03
N TYR A 121 28.01 9.33 -10.89
CA TYR A 121 28.73 8.14 -11.29
C TYR A 121 29.41 7.53 -10.09
N ARG A 122 29.45 6.20 -10.04
CA ARG A 122 29.99 5.46 -8.91
C ARG A 122 31.35 4.87 -9.29
N LYS A 123 32.35 5.10 -8.45
CA LYS A 123 33.66 4.53 -8.70
C LYS A 123 33.63 3.05 -8.42
N LEU A 124 34.18 2.27 -9.33
CA LEU A 124 34.26 0.82 -9.21
C LEU A 124 35.67 0.46 -8.76
N ASP A 125 35.78 -0.43 -7.79
CA ASP A 125 37.08 -0.86 -7.32
C ASP A 125 37.31 -2.31 -7.70
N LEU A 126 38.43 -2.59 -8.37
CA LEU A 126 38.62 -3.90 -8.97
C LEU A 126 38.73 -5.00 -7.92
N ARG A 127 39.14 -4.64 -6.69
CA ARG A 127 39.25 -5.63 -5.62
C ARG A 127 37.93 -6.33 -5.34
N HIS A 128 36.79 -5.70 -5.67
CA HIS A 128 35.47 -6.31 -5.44
C HIS A 128 35.11 -7.38 -6.47
N TYR A 129 35.90 -7.57 -7.52
CA TYR A 129 35.43 -8.41 -8.61
C TYR A 129 36.47 -9.50 -8.89
N ASP A 130 35.97 -10.68 -9.21
CA ASP A 130 36.80 -11.78 -9.68
C ASP A 130 35.99 -12.58 -10.70
N ASP A 131 36.44 -13.79 -10.98
CA ASP A 131 35.78 -14.59 -12.01
C ASP A 131 34.39 -15.03 -11.56
N ALA A 132 34.19 -15.21 -10.26
CA ALA A 132 32.86 -15.54 -9.77
C ALA A 132 31.94 -14.33 -9.82
N LEU A 133 32.49 -13.13 -9.64
CA LEU A 133 31.72 -11.90 -9.63
C LEU A 133 32.40 -10.86 -10.53
N PRO A 134 32.34 -11.03 -11.85
CA PRO A 134 33.11 -10.15 -12.74
C PRO A 134 32.65 -8.70 -12.72
N LEU A 135 33.55 -7.84 -13.23
CA LEU A 135 33.30 -6.39 -13.28
C LEU A 135 31.92 -6.07 -13.84
N SER A 136 31.47 -6.85 -14.83
CA SER A 136 30.17 -6.62 -15.42
C SER A 136 29.03 -6.62 -14.40
N THR A 137 29.22 -7.28 -13.25
CA THR A 137 28.13 -7.37 -12.28
C THR A 137 27.75 -6.03 -11.67
N ALA A 138 28.49 -4.95 -11.98
CA ALA A 138 28.08 -3.62 -11.54
C ALA A 138 26.86 -3.12 -12.27
N LEU A 139 26.38 -3.87 -13.27
CA LEU A 139 25.13 -3.59 -13.94
C LEU A 139 24.06 -4.61 -13.60
N GLY A 140 24.39 -5.58 -12.77
CA GLY A 140 23.45 -6.61 -12.38
C GLY A 140 23.40 -6.83 -10.88
N VAL A 141 23.86 -7.99 -10.45
CA VAL A 141 23.73 -8.35 -9.04
C VAL A 141 24.54 -7.42 -8.13
N MET A 142 25.69 -6.89 -8.58
CA MET A 142 26.36 -5.83 -7.85
C MET A 142 26.04 -4.47 -8.43
N GLY A 143 24.82 -4.29 -8.97
CA GLY A 143 24.37 -3.05 -9.55
C GLY A 143 22.96 -2.69 -9.10
N GLY A 144 22.27 -1.96 -9.96
CA GLY A 144 20.93 -1.55 -9.70
C GLY A 144 20.00 -2.70 -9.37
N PRO A 145 19.94 -3.70 -10.25
CA PRO A 145 19.06 -4.86 -9.98
C PRO A 145 19.35 -5.56 -8.66
N GLY A 146 20.60 -5.91 -8.39
CA GLY A 146 20.91 -6.48 -7.09
C GLY A 146 20.47 -5.57 -5.96
N MET A 147 20.72 -4.27 -6.10
CA MET A 147 20.40 -3.36 -5.02
C MET A 147 18.90 -3.30 -4.80
N THR A 148 18.13 -3.48 -5.86
CA THR A 148 16.67 -3.48 -5.73
C THR A 148 16.20 -4.69 -4.94
N ALA A 149 16.64 -5.89 -5.34
CA ALA A 149 16.26 -7.10 -4.61
C ALA A 149 16.76 -7.06 -3.18
N TRP A 150 18.03 -6.74 -2.98
CA TRP A 150 18.60 -6.80 -1.63
C TRP A 150 18.02 -5.71 -0.73
N GLY A 151 17.84 -4.51 -1.26
CA GLY A 151 17.25 -3.45 -0.47
C GLY A 151 15.83 -3.77 -0.03
N THR A 152 15.03 -4.32 -0.94
CA THR A 152 13.65 -4.67 -0.59
C THR A 152 13.62 -5.74 0.49
N MET A 153 14.42 -6.79 0.33
CA MET A 153 14.42 -7.89 1.28
C MET A 153 15.12 -7.59 2.61
N THR A 154 15.76 -6.44 2.77
CA THR A 154 16.40 -6.20 4.05
C THR A 154 16.00 -4.91 4.69
N LYS A 155 15.39 -3.99 3.95
CA LYS A 155 14.89 -2.74 4.50
C LYS A 155 13.38 -2.64 4.46
N PHE A 156 12.66 -3.63 3.96
CA PHE A 156 11.21 -3.53 3.95
C PHE A 156 10.54 -4.88 4.19
N MET A 157 10.70 -5.81 3.26
CA MET A 157 10.12 -7.13 3.46
C MET A 157 10.82 -7.88 4.58
N GLN A 158 10.03 -8.52 5.41
CA GLN A 158 10.56 -9.29 6.54
C GLN A 158 10.04 -10.72 6.40
N VAL A 159 10.67 -11.50 5.52
CA VAL A 159 10.22 -12.85 5.29
C VAL A 159 10.61 -13.73 6.47
N ARG A 160 9.64 -14.47 6.99
CA ARG A 160 9.70 -15.36 8.13
C ARG A 160 9.57 -16.82 7.69
N PRO A 161 10.18 -17.78 8.40
CA PRO A 161 10.03 -19.19 8.00
C PRO A 161 8.56 -19.60 8.04
N GLY A 162 8.12 -20.29 6.99
CA GLY A 162 6.74 -20.69 6.85
C GLY A 162 5.91 -19.83 5.90
N ASP A 163 6.36 -18.60 5.63
CA ASP A 163 5.62 -17.69 4.77
C ASP A 163 5.52 -18.24 3.35
N THR A 164 4.40 -17.95 2.69
CA THR A 164 4.33 -18.09 1.24
C THR A 164 4.62 -16.74 0.60
N VAL A 165 5.59 -16.72 -0.33
CA VAL A 165 6.01 -15.51 -1.03
C VAL A 165 5.70 -15.68 -2.51
N VAL A 166 5.04 -14.69 -3.09
CA VAL A 166 4.72 -14.71 -4.51
C VAL A 166 5.62 -13.69 -5.19
N VAL A 167 6.27 -14.09 -6.28
CA VAL A 167 7.10 -13.22 -7.10
C VAL A 167 6.57 -13.27 -8.52
N SER A 168 6.02 -12.15 -9.00
CA SER A 168 5.58 -12.02 -10.37
C SER A 168 6.75 -11.53 -11.23
N GLY A 169 6.85 -12.05 -12.44
CA GLY A 169 8.00 -11.67 -13.24
C GLY A 169 9.27 -12.27 -12.68
N ALA A 170 9.18 -13.51 -12.22
CA ALA A 170 10.26 -14.11 -11.46
C ALA A 170 11.47 -14.47 -12.32
N SER A 171 11.33 -14.55 -13.64
CA SER A 171 12.41 -15.13 -14.42
C SER A 171 13.62 -14.20 -14.51
N GLY A 172 13.41 -12.89 -14.38
CA GLY A 172 14.47 -11.92 -14.45
C GLY A 172 15.36 -11.93 -13.22
N MET A 173 16.41 -11.10 -13.29
CA MET A 173 17.43 -11.13 -12.26
C MET A 173 16.85 -10.76 -10.91
N ILE A 174 16.11 -9.65 -10.87
CA ILE A 174 15.54 -9.16 -9.61
C ILE A 174 14.60 -10.21 -9.03
N GLY A 175 13.71 -10.74 -9.88
CA GLY A 175 12.78 -11.77 -9.43
C GLY A 175 13.47 -13.00 -8.86
N THR A 176 14.50 -13.51 -9.56
CA THR A 176 15.17 -14.70 -9.06
C THR A 176 15.94 -14.41 -7.80
N LEU A 177 16.50 -13.21 -7.66
CA LEU A 177 17.20 -12.87 -6.43
C LEU A 177 16.21 -12.78 -5.25
N VAL A 178 15.07 -12.12 -5.47
CA VAL A 178 14.08 -12.06 -4.40
C VAL A 178 13.64 -13.46 -4.00
N GLY A 179 13.40 -14.32 -4.98
CA GLY A 179 12.94 -15.66 -4.66
C GLY A 179 13.96 -16.43 -3.85
N GLN A 180 15.23 -16.36 -4.26
CA GLN A 180 16.27 -17.12 -3.59
C GLN A 180 16.51 -16.58 -2.20
N MET A 181 16.42 -15.27 -2.03
CA MET A 181 16.53 -14.70 -0.69
C MET A 181 15.37 -15.14 0.17
N ALA A 182 14.15 -15.15 -0.39
CA ALA A 182 12.99 -15.53 0.37
C ALA A 182 13.10 -16.98 0.83
N LYS A 183 13.48 -17.86 -0.09
CA LYS A 183 13.73 -19.25 0.24
C LYS A 183 14.75 -19.40 1.37
N ARG A 184 15.84 -18.61 1.32
CA ARG A 184 16.81 -18.64 2.41
C ARG A 184 16.17 -18.21 3.72
N ALA A 185 15.24 -17.25 3.66
CA ALA A 185 14.58 -16.81 4.86
C ALA A 185 13.49 -17.80 5.29
N GLY A 186 13.29 -18.89 4.54
CA GLY A 186 12.46 -19.98 4.98
C GLY A 186 11.09 -20.10 4.34
N ALA A 187 10.85 -19.42 3.23
CA ALA A 187 9.51 -19.28 2.70
C ALA A 187 9.21 -20.33 1.63
N ARG A 188 7.93 -20.65 1.50
CA ARG A 188 7.45 -21.18 0.23
C ARG A 188 7.48 -20.06 -0.80
N VAL A 189 8.03 -20.34 -1.97
CA VAL A 189 8.23 -19.36 -3.00
C VAL A 189 7.47 -19.82 -4.24
N VAL A 190 6.53 -19.01 -4.70
CA VAL A 190 5.76 -19.22 -5.92
C VAL A 190 6.14 -18.12 -6.89
N GLY A 191 6.42 -18.48 -8.15
CA GLY A 191 6.73 -17.50 -9.16
C GLY A 191 5.86 -17.67 -10.40
N THR A 192 5.89 -16.63 -11.24
CA THR A 192 5.35 -16.66 -12.60
C THR A 192 6.48 -16.59 -13.62
N ALA A 193 6.50 -17.54 -14.55
CA ALA A 193 7.40 -17.55 -15.70
C ALA A 193 6.57 -17.67 -16.98
N GLY A 194 7.24 -17.73 -18.12
CA GLY A 194 6.55 -17.64 -19.39
C GLY A 194 6.68 -18.85 -20.31
N SER A 195 7.27 -19.95 -19.85
CA SER A 195 7.32 -21.18 -20.60
C SER A 195 7.94 -22.28 -19.78
N ALA A 196 7.80 -23.51 -20.29
CA ALA A 196 8.21 -24.69 -19.54
C ALA A 196 9.68 -24.64 -19.19
N GLY A 197 10.53 -24.19 -20.11
CA GLY A 197 11.95 -24.06 -19.80
C GLY A 197 12.19 -23.06 -18.68
N LYS A 198 11.61 -21.89 -18.78
CA LYS A 198 11.83 -20.86 -17.80
C LYS A 198 11.29 -21.28 -16.47
N ALA A 199 10.13 -21.89 -16.50
CA ALA A 199 9.54 -22.41 -15.26
C ALA A 199 10.38 -23.53 -14.66
N ARG A 200 11.01 -24.36 -15.50
CA ARG A 200 11.95 -25.35 -15.00
C ARG A 200 13.17 -24.68 -14.39
N TYR A 201 13.69 -23.64 -15.07
CA TYR A 201 14.82 -22.86 -14.57
C TYR A 201 14.52 -22.29 -13.19
N LEU A 202 13.37 -21.64 -13.02
CA LEU A 202 12.99 -21.16 -11.69
C LEU A 202 12.89 -22.30 -10.69
N SER A 203 12.40 -23.46 -11.14
CA SER A 203 12.38 -24.60 -10.24
C SER A 203 13.79 -25.05 -9.86
N GLN A 204 14.76 -24.91 -10.76
CA GLN A 204 16.13 -25.24 -10.38
C GLN A 204 16.75 -24.21 -9.45
N LEU A 205 16.27 -22.96 -9.46
CA LEU A 205 16.76 -21.95 -8.53
C LEU A 205 16.13 -22.07 -7.15
N GLY A 206 15.12 -22.93 -7.01
CA GLY A 206 14.51 -23.22 -5.72
C GLY A 206 13.06 -22.79 -5.59
N PHE A 207 12.47 -22.20 -6.63
CA PHE A 207 11.05 -21.87 -6.58
C PHE A 207 10.25 -23.14 -6.32
N ASP A 208 9.29 -23.05 -5.40
CA ASP A 208 8.51 -24.23 -5.04
C ASP A 208 7.35 -24.47 -5.99
N ALA A 209 6.94 -23.43 -6.70
CA ALA A 209 5.83 -23.51 -7.64
C ALA A 209 5.99 -22.38 -8.63
N VAL A 210 5.69 -22.69 -9.88
CA VAL A 210 5.82 -21.75 -10.98
C VAL A 210 4.54 -21.81 -11.79
N ILE A 211 3.98 -20.65 -12.09
CA ILE A 211 2.71 -20.56 -12.79
C ILE A 211 2.98 -19.88 -14.13
N ASP A 212 2.48 -20.47 -15.21
CA ASP A 212 2.64 -19.90 -16.54
C ASP A 212 1.64 -18.75 -16.71
N TYR A 213 2.15 -17.51 -16.83
CA TYR A 213 1.26 -16.36 -16.97
C TYR A 213 0.65 -16.27 -18.35
N LYS A 214 1.23 -16.96 -19.34
CA LYS A 214 0.62 -16.98 -20.67
C LYS A 214 -0.64 -17.84 -20.68
N LEU A 215 -0.59 -19.01 -20.04
CA LEU A 215 -1.79 -19.82 -19.94
C LEU A 215 -2.83 -19.14 -19.05
N ALA A 216 -2.45 -18.82 -17.81
CA ALA A 216 -3.36 -18.17 -16.85
C ALA A 216 -3.42 -16.68 -17.15
N ASP A 217 -4.20 -16.33 -18.19
CA ASP A 217 -4.16 -14.99 -18.80
C ASP A 217 -5.12 -13.99 -18.16
N ASP A 218 -6.11 -14.45 -17.42
CA ASP A 218 -7.02 -13.54 -16.71
C ASP A 218 -7.01 -13.81 -15.23
N ALA A 219 -7.51 -12.85 -14.46
CA ALA A 219 -7.44 -12.98 -13.01
C ALA A 219 -8.17 -14.22 -12.50
N ASP A 220 -9.19 -14.69 -13.20
CA ASP A 220 -9.88 -15.90 -12.76
C ASP A 220 -9.00 -17.13 -12.96
N LYS A 221 -8.49 -17.33 -14.14
CA LYS A 221 -7.59 -18.44 -14.33
C LYS A 221 -6.40 -18.27 -13.42
N MET A 222 -6.00 -17.02 -13.22
CA MET A 222 -4.86 -16.72 -12.36
C MET A 222 -5.19 -17.00 -10.90
N ARG A 223 -6.36 -16.55 -10.41
CA ARG A 223 -6.82 -16.94 -9.08
C ARG A 223 -6.73 -18.43 -8.89
N GLU A 224 -7.13 -19.21 -9.92
CA GLU A 224 -7.10 -20.66 -9.82
C GLU A 224 -5.69 -21.17 -9.58
N ALA A 225 -4.73 -20.65 -10.35
CA ALA A 225 -3.36 -21.17 -10.29
C ALA A 225 -2.72 -20.81 -8.96
N LEU A 226 -2.99 -19.60 -8.46
CA LEU A 226 -2.48 -19.21 -7.16
C LEU A 226 -3.06 -20.07 -6.06
N ARG A 227 -4.39 -20.24 -6.05
CA ARG A 227 -4.98 -21.03 -4.98
C ARG A 227 -4.40 -22.42 -4.96
N GLU A 228 -4.05 -22.97 -6.13
CA GLU A 228 -3.40 -24.27 -6.12
C GLU A 228 -1.95 -24.17 -5.71
N ALA A 229 -1.26 -23.08 -6.08
CA ALA A 229 0.16 -22.95 -5.76
C ALA A 229 0.39 -22.42 -4.35
N ALA A 230 -0.60 -21.78 -3.75
CA ALA A 230 -0.44 -21.07 -2.49
C ALA A 230 -1.70 -21.32 -1.67
N PRO A 231 -1.94 -22.57 -1.29
CA PRO A 231 -3.23 -22.91 -0.66
C PRO A 231 -3.45 -22.24 0.67
N ASP A 232 -2.40 -21.85 1.39
CA ASP A 232 -2.59 -21.18 2.67
C ASP A 232 -2.57 -19.66 2.57
N GLY A 233 -2.64 -19.09 1.37
CA GLY A 233 -2.64 -17.64 1.22
C GLY A 233 -1.25 -17.07 0.93
N VAL A 234 -1.24 -15.76 0.76
CA VAL A 234 -0.04 -15.02 0.38
C VAL A 234 0.33 -14.08 1.51
N ASP A 235 1.56 -14.21 1.99
CA ASP A 235 2.12 -13.31 3.00
C ASP A 235 2.94 -12.20 2.39
N LYS A 236 3.72 -12.51 1.35
CA LYS A 236 4.57 -11.52 0.72
C LYS A 236 4.34 -11.61 -0.78
N TYR A 237 4.26 -10.44 -1.42
CA TYR A 237 4.15 -10.30 -2.86
C TYR A 237 5.20 -9.28 -3.34
N PHE A 238 6.14 -9.74 -4.17
CA PHE A 238 7.05 -8.86 -4.87
C PHE A 238 6.52 -8.74 -6.31
N ASP A 239 6.06 -7.55 -6.69
CA ASP A 239 5.27 -7.34 -7.89
C ASP A 239 6.06 -6.56 -8.94
N SER A 240 6.28 -7.17 -10.10
CA SER A 240 6.86 -6.43 -11.22
C SER A 240 5.89 -6.33 -12.38
N ILE A 241 4.70 -6.94 -12.28
CA ILE A 241 3.79 -7.14 -13.41
C ILE A 241 2.53 -6.28 -13.28
N GLY A 242 1.90 -6.27 -12.10
CA GLY A 242 0.60 -5.63 -12.01
C GLY A 242 -0.46 -6.37 -12.82
N GLY A 243 -1.53 -5.63 -13.13
CA GLY A 243 -2.59 -6.24 -13.91
C GLY A 243 -3.29 -7.36 -13.18
N SER A 244 -3.70 -8.38 -13.93
CA SER A 244 -4.64 -9.37 -13.43
C SER A 244 -3.98 -10.40 -12.51
N VAL A 245 -2.67 -10.57 -12.61
CA VAL A 245 -2.00 -11.39 -11.61
C VAL A 245 -1.94 -10.65 -10.28
N THR A 246 -1.78 -9.33 -10.30
CA THR A 246 -1.78 -8.59 -9.05
C THR A 246 -3.18 -8.51 -8.47
N ASP A 247 -4.20 -8.35 -9.33
CA ASP A 247 -5.59 -8.45 -8.88
C ASP A 247 -5.85 -9.79 -8.20
N ALA A 248 -5.29 -10.86 -8.75
CA ALA A 248 -5.47 -12.19 -8.18
C ALA A 248 -4.82 -12.28 -6.80
N VAL A 249 -3.57 -11.84 -6.66
CA VAL A 249 -2.87 -11.95 -5.39
C VAL A 249 -3.59 -11.16 -4.30
N PHE A 250 -4.21 -10.04 -4.68
CA PHE A 250 -4.87 -9.19 -3.68
C PHE A 250 -6.16 -9.80 -3.15
N SER A 251 -6.72 -10.77 -3.84
CA SER A 251 -7.89 -11.47 -3.32
C SER A 251 -7.55 -12.44 -2.21
N MET A 252 -6.28 -12.86 -2.09
CA MET A 252 -5.85 -13.90 -1.15
C MET A 252 -4.73 -13.42 -0.22
N LEU A 253 -4.71 -12.14 0.14
CA LEU A 253 -3.70 -11.63 1.07
C LEU A 253 -3.99 -12.10 2.50
N ASN A 254 -2.95 -12.59 3.17
CA ASN A 254 -3.02 -13.00 4.56
C ASN A 254 -2.85 -11.81 5.50
N VAL A 255 -3.06 -12.07 6.79
CA VAL A 255 -3.05 -10.99 7.77
C VAL A 255 -1.62 -10.55 8.02
N GLY A 256 -1.40 -9.23 8.03
CA GLY A 256 -0.07 -8.70 8.17
C GLY A 256 0.81 -8.93 6.97
N SER A 257 0.24 -9.12 5.79
CA SER A 257 1.01 -9.32 4.59
C SER A 257 1.71 -8.03 4.12
N GLN A 258 2.63 -8.18 3.17
CA GLN A 258 3.45 -7.10 2.66
C GLN A 258 3.58 -7.21 1.15
N VAL A 259 3.32 -6.11 0.44
CA VAL A 259 3.41 -6.03 -1.01
C VAL A 259 4.47 -4.98 -1.37
N ALA A 260 5.42 -5.38 -2.21
CA ALA A 260 6.42 -4.46 -2.74
C ALA A 260 6.14 -4.27 -4.23
N VAL A 261 5.85 -3.04 -4.63
CA VAL A 261 5.61 -2.69 -6.02
C VAL A 261 6.92 -2.19 -6.60
N CYS A 262 7.56 -3.06 -7.37
CA CYS A 262 8.79 -2.80 -8.08
C CYS A 262 8.53 -2.30 -9.50
N TRP A 263 7.53 -2.83 -10.20
CA TRP A 263 7.20 -2.36 -11.53
C TRP A 263 5.77 -2.79 -11.86
N GLN A 264 5.19 -2.19 -12.91
CA GLN A 264 3.85 -2.55 -13.37
C GLN A 264 3.85 -2.77 -14.88
N TRP A 265 4.65 -3.75 -15.33
CA TRP A 265 4.78 -4.06 -16.75
C TRP A 265 3.44 -4.11 -17.48
N ALA A 266 2.42 -4.73 -16.87
CA ALA A 266 1.16 -4.85 -17.58
C ALA A 266 0.46 -3.53 -17.77
N THR A 267 0.80 -2.51 -16.98
CA THR A 267 0.31 -1.16 -17.24
C THR A 267 1.26 -0.40 -18.18
N GLN A 268 2.53 -0.23 -17.79
CA GLN A 268 3.50 0.52 -18.58
C GLN A 268 3.59 0.01 -20.02
N VAL A 269 3.68 -1.31 -20.20
CA VAL A 269 3.96 -1.90 -21.51
C VAL A 269 2.67 -2.32 -22.20
N GLN A 270 1.70 -2.84 -21.48
CA GLN A 270 0.47 -3.30 -22.11
C GLN A 270 -0.69 -2.32 -21.96
N ARG A 271 -0.45 -1.14 -21.41
CA ARG A 271 -1.44 -0.06 -21.42
C ARG A 271 -2.77 -0.48 -20.79
N ASP A 272 -2.66 -1.18 -19.65
CA ASP A 272 -3.81 -1.66 -18.88
C ASP A 272 -4.00 -0.68 -17.73
N TYR A 273 -4.80 0.35 -17.95
CA TYR A 273 -4.88 1.44 -16.98
C TYR A 273 -5.99 1.29 -15.95
N HIS A 274 -7.04 0.55 -16.27
CA HIS A 274 -8.18 0.45 -15.37
C HIS A 274 -8.35 -1.00 -14.94
N GLY A 275 -8.86 -1.16 -13.73
CA GLY A 275 -9.05 -2.49 -13.19
C GLY A 275 -9.75 -2.49 -11.85
N PRO A 276 -9.96 -3.68 -11.31
CA PRO A 276 -10.67 -3.79 -10.03
C PRO A 276 -9.94 -3.01 -8.94
N ARG A 277 -10.70 -2.23 -8.16
CA ARG A 277 -10.08 -1.45 -7.09
C ARG A 277 -9.48 -2.38 -6.04
N LEU A 278 -8.21 -2.12 -5.69
CA LEU A 278 -7.51 -3.06 -4.82
C LEU A 278 -7.56 -2.66 -3.37
N LEU A 279 -7.55 -1.36 -3.07
CA LEU A 279 -7.56 -0.92 -1.67
C LEU A 279 -8.70 -1.47 -0.81
N PRO A 280 -9.91 -1.72 -1.35
CA PRO A 280 -10.96 -2.31 -0.49
C PRO A 280 -10.61 -3.70 0.06
N TYR A 281 -9.54 -4.32 -0.43
CA TYR A 281 -9.17 -5.69 -0.09
C TYR A 281 -8.04 -5.79 0.93
N ILE A 282 -7.56 -4.67 1.45
CA ILE A 282 -6.37 -4.67 2.29
C ILE A 282 -6.66 -4.30 3.72
N MET A 283 -7.90 -3.91 4.03
CA MET A 283 -8.23 -3.50 5.40
C MET A 283 -8.16 -4.66 6.39
N PHE A 284 -8.98 -5.69 6.20
CA PHE A 284 -8.89 -6.79 7.15
C PHE A 284 -7.50 -7.41 7.16
N PRO A 285 -6.86 -7.69 6.03
CA PRO A 285 -5.47 -8.21 6.09
C PRO A 285 -4.48 -7.29 6.78
N ARG A 286 -4.80 -6.00 6.93
CA ARG A 286 -3.84 -5.03 7.42
C ARG A 286 -2.53 -5.14 6.62
N ALA A 287 -2.69 -5.11 5.30
CA ALA A 287 -1.53 -5.30 4.44
C ALA A 287 -0.78 -3.99 4.27
N THR A 288 0.53 -4.08 4.13
CA THR A 288 1.38 -2.92 3.88
C THR A 288 1.91 -3.01 2.46
N ILE A 289 1.69 -1.95 1.68
CA ILE A 289 2.15 -1.87 0.30
C ILE A 289 3.12 -0.70 0.21
N ARG A 290 4.34 -0.98 -0.25
CA ARG A 290 5.36 0.04 -0.38
C ARG A 290 5.86 0.09 -1.82
N GLY A 291 5.79 1.26 -2.43
CA GLY A 291 6.44 1.47 -3.71
C GLY A 291 7.95 1.38 -3.59
N ILE A 292 8.58 0.78 -4.61
CA ILE A 292 10.03 0.61 -4.64
C ILE A 292 10.61 1.56 -5.67
N PHE A 293 11.55 2.39 -5.23
CA PHE A 293 12.35 3.24 -6.12
C PHE A 293 13.79 3.14 -5.61
N SER A 294 14.49 2.11 -6.07
CA SER A 294 15.77 1.70 -5.47
C SER A 294 16.85 2.79 -5.52
N LEU A 295 16.70 3.84 -6.35
CA LEU A 295 17.69 4.91 -6.38
C LEU A 295 17.96 5.49 -4.99
N GLU A 296 16.95 5.49 -4.11
CA GLU A 296 17.09 6.02 -2.76
C GLU A 296 18.07 5.24 -1.91
N TRP A 297 18.46 4.03 -2.33
CA TRP A 297 19.40 3.22 -1.57
C TRP A 297 20.83 3.31 -2.10
N PHE A 298 21.07 4.12 -3.14
CA PHE A 298 22.38 4.21 -3.77
C PHE A 298 23.28 5.08 -2.89
N THR A 299 23.77 4.47 -1.82
CA THR A 299 24.67 5.13 -0.87
C THR A 299 25.91 4.28 -0.73
N GLU A 300 27.02 4.88 -0.32
CA GLU A 300 28.22 4.06 -0.19
C GLU A 300 28.06 3.01 0.90
N GLN A 301 27.29 3.31 1.97
CA GLN A 301 27.04 2.29 2.97
C GLN A 301 26.29 1.10 2.39
N ASN A 302 25.26 1.36 1.58
CA ASN A 302 24.48 0.24 1.06
C ASN A 302 25.29 -0.56 0.05
N TRP A 303 26.11 0.11 -0.79
CA TRP A 303 26.93 -0.63 -1.74
C TRP A 303 27.95 -1.55 -1.05
N SER A 304 28.50 -1.16 0.10
CA SER A 304 29.38 -2.09 0.81
C SER A 304 28.60 -3.26 1.38
N ALA A 305 27.45 -3.00 1.99
CA ALA A 305 26.67 -4.09 2.54
C ALA A 305 26.23 -5.05 1.45
N LEU A 306 25.88 -4.51 0.29
CA LEU A 306 25.56 -5.33 -0.89
C LEU A 306 26.69 -6.29 -1.22
N HIS A 307 27.91 -5.76 -1.35
CA HIS A 307 29.06 -6.58 -1.72
C HIS A 307 29.40 -7.60 -0.63
N GLU A 308 29.17 -7.26 0.65
CA GLU A 308 29.41 -8.19 1.75
C GLU A 308 28.37 -9.29 1.78
N GLU A 309 27.11 -8.91 1.99
CA GLU A 309 26.03 -9.88 2.07
C GLU A 309 25.85 -10.63 0.75
N LEU A 310 25.48 -9.90 -0.30
CA LEU A 310 25.02 -10.57 -1.50
C LEU A 310 26.19 -11.12 -2.30
N GLY A 311 27.26 -10.33 -2.43
CA GLY A 311 28.45 -10.84 -3.07
C GLY A 311 29.00 -12.09 -2.42
N GLY A 312 28.83 -12.19 -1.09
CA GLY A 312 29.26 -13.40 -0.40
C GLY A 312 28.46 -14.61 -0.82
N LEU A 313 27.13 -14.50 -0.78
CA LEU A 313 26.30 -15.65 -1.13
C LEU A 313 26.55 -16.09 -2.57
N VAL A 314 26.81 -15.15 -3.46
CA VAL A 314 27.06 -15.52 -4.86
C VAL A 314 28.38 -16.27 -4.95
N ARG A 315 29.38 -15.85 -4.18
CA ARG A 315 30.71 -16.43 -4.27
C ARG A 315 30.77 -17.79 -3.59
N ARG A 316 30.13 -17.94 -2.43
CA ARG A 316 30.01 -19.24 -1.78
C ARG A 316 29.08 -20.18 -2.55
N GLN A 317 28.54 -19.74 -3.69
CA GLN A 317 27.65 -20.52 -4.52
C GLN A 317 26.34 -20.87 -3.81
N GLU A 318 25.89 -20.00 -2.91
CA GLU A 318 24.61 -20.18 -2.27
C GLU A 318 23.51 -19.40 -2.98
N LEU A 319 23.78 -18.92 -4.19
CA LEU A 319 22.89 -17.96 -4.81
C LEU A 319 23.32 -17.66 -6.24
N VAL A 320 22.42 -17.84 -7.19
CA VAL A 320 22.78 -17.80 -8.59
C VAL A 320 22.37 -16.45 -9.14
N ALA A 321 23.35 -15.67 -9.55
CA ALA A 321 23.13 -14.43 -10.29
C ALA A 321 23.64 -14.67 -11.72
N HIS A 322 22.72 -14.94 -12.63
CA HIS A 322 23.11 -15.28 -13.98
C HIS A 322 22.98 -14.05 -14.88
N GLU A 323 23.98 -13.84 -15.74
CA GLU A 323 23.91 -12.79 -16.75
C GLU A 323 24.22 -13.37 -18.13
N THR A 324 23.78 -12.64 -19.15
CA THR A 324 23.96 -13.01 -20.55
C THR A 324 24.61 -11.84 -21.29
N VAL A 325 25.89 -11.99 -21.63
CA VAL A 325 26.71 -10.89 -22.16
C VAL A 325 26.79 -11.04 -23.68
N GLN A 326 25.90 -10.33 -24.39
CA GLN A 326 26.03 -10.16 -25.84
C GLN A 326 27.22 -9.27 -26.17
N ASP A 327 27.99 -9.63 -27.21
CA ASP A 327 29.13 -8.81 -27.60
C ASP A 327 28.76 -7.89 -28.77
N GLY A 328 29.34 -6.69 -28.75
CA GLY A 328 29.27 -5.79 -29.89
C GLY A 328 28.33 -4.63 -29.73
N PHE A 329 28.87 -3.40 -29.65
CA PHE A 329 28.05 -2.20 -29.56
C PHE A 329 26.94 -2.15 -30.60
N GLU A 330 27.15 -2.77 -31.76
CA GLU A 330 26.14 -2.73 -32.81
C GLU A 330 24.96 -3.68 -32.54
N HIS A 331 25.13 -4.68 -31.68
CA HIS A 331 24.04 -5.58 -31.36
C HIS A 331 23.29 -5.15 -30.10
N ILE A 332 23.47 -3.89 -29.66
CA ILE A 332 22.75 -3.41 -28.48
C ILE A 332 21.22 -3.51 -28.66
N PRO A 333 20.61 -2.97 -29.71
CA PRO A 333 19.15 -3.10 -29.86
C PRO A 333 18.69 -4.55 -30.07
N ALA A 334 19.51 -5.39 -30.68
CA ALA A 334 19.16 -6.80 -30.79
C ALA A 334 19.15 -7.46 -29.41
N ALA A 335 20.10 -7.08 -28.55
CA ALA A 335 20.06 -7.53 -27.16
C ALA A 335 18.84 -6.98 -26.43
N TYR A 336 18.53 -5.70 -26.61
CA TYR A 336 17.35 -5.15 -25.95
C TYR A 336 16.07 -5.82 -26.41
N GLN A 337 16.00 -6.22 -27.68
CA GLN A 337 14.79 -6.83 -28.20
C GLN A 337 14.56 -8.18 -27.53
N THR A 338 15.63 -8.90 -27.24
CA THR A 338 15.46 -10.21 -26.66
C THR A 338 14.85 -10.17 -25.23
N LEU A 339 14.62 -8.99 -24.65
CA LEU A 339 13.90 -8.91 -23.38
C LEU A 339 12.40 -9.00 -23.57
N PHE A 340 11.88 -8.33 -24.58
CA PHE A 340 10.48 -8.41 -24.94
C PHE A 340 10.34 -9.45 -26.04
N SER A 341 9.36 -10.33 -25.94
CA SER A 341 9.07 -11.25 -27.04
C SER A 341 10.04 -12.41 -27.22
N ALA A 342 11.31 -12.19 -27.02
CA ALA A 342 12.28 -13.25 -27.25
C ALA A 342 12.90 -13.73 -25.94
N SER A 343 12.17 -13.57 -24.83
CA SER A 343 12.64 -13.97 -23.50
C SER A 343 13.09 -15.43 -23.44
N GLU A 344 12.77 -16.22 -24.48
CA GLU A 344 13.27 -17.58 -24.63
C GLU A 344 14.76 -17.57 -24.85
N SER A 345 15.50 -18.28 -23.98
CA SER A 345 16.99 -18.34 -24.04
C SER A 345 17.57 -17.28 -23.16
N ASN A 346 16.71 -16.44 -22.60
CA ASN A 346 17.19 -15.30 -21.84
C ASN A 346 17.16 -15.65 -20.35
N ARG A 347 18.34 -15.79 -19.75
CA ARG A 347 18.44 -16.00 -18.32
C ARG A 347 19.15 -14.80 -17.72
N GLY A 348 18.52 -14.17 -16.74
CA GLY A 348 19.17 -13.20 -15.89
C GLY A 348 19.36 -11.83 -16.52
N LYS A 349 20.44 -11.17 -16.13
CA LYS A 349 20.74 -9.84 -16.65
C LYS A 349 21.34 -9.95 -18.03
N VAL A 350 20.79 -9.20 -18.98
CA VAL A 350 21.37 -9.07 -20.31
C VAL A 350 22.23 -7.83 -20.33
N LEU A 351 23.50 -7.99 -20.70
CA LEU A 351 24.43 -6.89 -20.90
C LEU A 351 24.96 -6.94 -22.33
N VAL A 352 25.54 -5.83 -22.77
CA VAL A 352 26.36 -5.84 -23.98
C VAL A 352 27.78 -5.42 -23.60
N ARG A 353 28.75 -6.29 -23.88
CA ARG A 353 30.16 -5.92 -23.80
C ARG A 353 30.56 -5.23 -25.10
N VAL A 354 31.03 -3.98 -24.98
CA VAL A 354 31.52 -3.20 -26.12
C VAL A 354 33.01 -3.40 -26.28
N LEU B 1 -34.13 -19.73 37.31
CA LEU B 1 -35.13 -19.94 36.26
C LEU B 1 -36.13 -18.78 36.08
N GLY B 2 -36.60 -18.64 34.85
CA GLY B 2 -37.50 -17.59 34.44
C GLY B 2 -37.21 -17.14 33.02
N SER B 3 -38.01 -16.21 32.52
CA SER B 3 -37.79 -15.61 31.21
C SER B 3 -38.06 -14.12 31.32
N MET B 4 -37.68 -13.36 30.31
CA MET B 4 -38.12 -11.97 30.24
C MET B 4 -38.33 -11.55 28.79
N LYS B 5 -39.35 -10.72 28.57
CA LYS B 5 -39.64 -10.23 27.23
C LYS B 5 -38.59 -9.19 26.83
N THR B 6 -38.08 -9.30 25.59
CA THR B 6 -37.13 -8.35 25.05
C THR B 6 -37.58 -7.93 23.66
N GLU B 7 -37.05 -6.80 23.20
CA GLU B 7 -37.24 -6.39 21.83
C GLU B 7 -35.90 -6.50 21.07
N ARG B 8 -36.01 -6.81 19.78
CA ARG B 8 -34.85 -7.01 18.93
C ARG B 8 -35.17 -6.43 17.56
N TRP B 9 -34.15 -5.85 16.93
CA TRP B 9 -34.22 -5.53 15.51
C TRP B 9 -33.58 -6.69 14.77
N VAL B 10 -34.32 -7.29 13.84
CA VAL B 10 -33.84 -8.41 13.07
C VAL B 10 -33.79 -7.99 11.60
N VAL B 11 -32.98 -8.69 10.83
CA VAL B 11 -32.82 -8.39 9.42
C VAL B 11 -33.92 -9.14 8.68
N ARG B 12 -34.89 -8.39 8.14
CA ARG B 12 -35.98 -9.02 7.41
C ARG B 12 -35.68 -9.11 5.93
N GLU B 13 -34.89 -8.19 5.39
CA GLU B 13 -34.55 -8.25 3.98
C GLU B 13 -33.17 -7.64 3.76
N HIS B 14 -32.45 -8.22 2.81
CA HIS B 14 -31.14 -7.73 2.34
C HIS B 14 -31.32 -6.74 1.19
N VAL B 15 -30.76 -5.54 1.35
CA VAL B 15 -30.80 -4.50 0.33
C VAL B 15 -29.39 -3.97 0.10
N GLU B 16 -28.87 -4.16 -1.11
CA GLU B 16 -27.54 -3.67 -1.50
C GLU B 16 -27.52 -2.15 -1.57
N GLY B 17 -26.31 -1.61 -1.70
CA GLY B 17 -26.17 -0.19 -1.92
C GLY B 17 -26.46 0.59 -0.66
N VAL B 18 -27.00 1.79 -0.85
CA VAL B 18 -27.38 2.58 0.34
C VAL B 18 -28.53 1.88 1.04
N PRO B 19 -28.48 1.72 2.36
CA PRO B 19 -29.51 0.97 3.06
C PRO B 19 -30.85 1.69 3.03
N ASP B 20 -31.92 0.92 2.83
CA ASP B 20 -33.28 1.36 3.15
C ASP B 20 -33.60 0.83 4.55
N ALA B 21 -33.32 1.64 5.57
CA ALA B 21 -33.30 1.09 6.93
C ALA B 21 -34.69 0.66 7.40
N ALA B 22 -35.77 1.27 6.87
CA ALA B 22 -37.11 0.84 7.26
C ALA B 22 -37.58 -0.40 6.49
N ARG B 23 -36.97 -0.72 5.36
CA ARG B 23 -37.29 -1.92 4.61
C ARG B 23 -36.48 -3.13 5.04
N ILE B 24 -35.25 -2.91 5.51
CA ILE B 24 -34.32 -3.97 5.92
C ILE B 24 -34.71 -4.55 7.29
N TYR B 25 -35.16 -3.74 8.21
CA TYR B 25 -35.24 -4.13 9.61
C TYR B 25 -36.69 -4.20 10.08
N GLU B 26 -36.89 -5.06 11.09
CA GLU B 26 -38.19 -5.31 11.69
C GLU B 26 -37.95 -5.51 13.18
N LYS B 27 -38.75 -4.85 14.01
CA LYS B 27 -38.62 -4.93 15.45
C LYS B 27 -39.56 -6.01 15.98
N VAL B 28 -39.02 -6.92 16.80
CA VAL B 28 -39.79 -8.05 17.29
C VAL B 28 -39.69 -8.15 18.81
N GLU B 29 -40.75 -8.69 19.43
CA GLU B 29 -40.68 -9.11 20.82
C GLU B 29 -40.11 -10.52 20.89
N THR B 30 -39.20 -10.73 21.82
CA THR B 30 -38.47 -11.98 21.93
C THR B 30 -38.40 -12.35 23.39
N GLU B 31 -38.96 -13.49 23.73
CA GLU B 31 -38.85 -14.04 25.07
C GLU B 31 -37.48 -14.70 25.20
N LEU B 32 -36.70 -14.20 26.14
CA LEU B 32 -35.36 -14.68 26.42
C LEU B 32 -35.46 -15.60 27.63
N ASN B 33 -34.95 -16.81 27.49
CA ASN B 33 -34.75 -17.64 28.67
C ASN B 33 -33.63 -17.02 29.46
N THR B 34 -33.81 -16.89 30.77
CA THR B 34 -32.84 -16.21 31.61
C THR B 34 -32.11 -17.16 32.56
N ARG B 35 -32.34 -18.47 32.42
CA ARG B 35 -31.56 -19.50 33.11
C ARG B 35 -30.14 -19.51 32.55
N LEU B 36 -29.16 -19.15 33.37
CA LEU B 36 -27.79 -18.88 32.91
C LEU B 36 -26.89 -20.10 33.11
N GLY B 37 -26.22 -20.52 32.04
CA GLY B 37 -25.09 -21.41 32.17
C GLY B 37 -23.99 -20.80 33.03
N GLU B 38 -23.02 -21.63 33.39
CA GLU B 38 -22.08 -21.25 34.45
C GLU B 38 -21.24 -20.03 34.11
N GLU B 39 -21.04 -19.72 32.83
CA GLU B 39 -20.28 -18.52 32.49
C GLU B 39 -21.11 -17.51 31.72
N GLN B 40 -22.40 -17.75 31.57
CA GLN B 40 -23.26 -16.81 30.87
C GLN B 40 -23.65 -15.65 31.79
N MET B 41 -23.93 -14.51 31.17
CA MET B 41 -24.43 -13.34 31.86
C MET B 41 -25.70 -12.85 31.16
N LEU B 42 -26.62 -12.30 31.95
CA LEU B 42 -27.75 -11.54 31.43
C LEU B 42 -27.39 -10.07 31.45
N LEU B 43 -27.49 -9.42 30.28
CA LEU B 43 -27.09 -8.03 30.10
C LEU B 43 -28.24 -7.19 29.57
N LYS B 44 -28.20 -5.90 29.91
CA LYS B 44 -29.20 -4.93 29.48
C LYS B 44 -28.48 -3.81 28.71
N THR B 45 -29.04 -3.39 27.58
CA THR B 45 -28.37 -2.45 26.69
C THR B 45 -28.64 -1.01 27.08
N LEU B 46 -27.58 -0.24 27.28
CA LEU B 46 -27.67 1.17 27.62
C LEU B 46 -27.52 2.09 26.43
N TYR B 47 -26.55 1.82 25.56
CA TYR B 47 -26.33 2.59 24.34
C TYR B 47 -25.98 1.64 23.20
N VAL B 48 -26.31 2.04 21.99
CA VAL B 48 -25.78 1.36 20.82
C VAL B 48 -25.20 2.38 19.86
N SER B 49 -24.27 1.89 19.06
CA SER B 49 -23.61 2.64 18.01
C SER B 49 -24.27 2.33 16.69
N VAL B 50 -24.39 3.33 15.83
CA VAL B 50 -24.77 3.12 14.43
C VAL B 50 -23.62 3.56 13.54
N ASP B 51 -23.17 2.68 12.66
CA ASP B 51 -21.99 2.98 11.88
C ASP B 51 -22.18 2.55 10.44
N PRO B 52 -21.50 3.22 9.51
CA PRO B 52 -21.53 2.77 8.10
C PRO B 52 -21.01 1.37 7.91
N TYR B 53 -20.03 0.94 8.70
CA TYR B 53 -19.58 -0.44 8.55
C TYR B 53 -20.66 -1.45 8.88
N LEU B 54 -21.78 -1.03 9.48
CA LEU B 54 -22.88 -1.95 9.71
C LEU B 54 -23.56 -2.37 8.43
N GLN B 55 -23.39 -1.60 7.34
CA GLN B 55 -24.01 -1.98 6.07
C GLN B 55 -23.51 -3.35 5.60
N GLY B 56 -22.23 -3.64 5.81
CA GLY B 56 -21.65 -4.91 5.43
C GLY B 56 -21.95 -6.03 6.41
N ILE B 57 -21.89 -5.73 7.71
CA ILE B 57 -22.38 -6.67 8.71
C ILE B 57 -23.77 -7.17 8.34
N CYS B 58 -24.67 -6.25 8.03
CA CYS B 58 -26.04 -6.60 7.67
C CYS B 58 -26.08 -7.58 6.50
N LEU B 59 -25.40 -7.28 5.40
CA LEU B 59 -25.47 -8.15 4.24
C LEU B 59 -24.89 -9.53 4.52
N ASP B 60 -24.11 -9.67 5.60
CA ASP B 60 -23.60 -10.97 6.01
C ASP B 60 -24.43 -11.62 7.11
N THR B 61 -25.54 -11.02 7.52
CA THR B 61 -26.37 -11.51 8.61
C THR B 61 -27.50 -12.33 8.06
N PRO B 62 -27.68 -13.60 8.44
CA PRO B 62 -28.76 -14.39 7.84
C PRO B 62 -30.12 -13.78 8.15
N ILE B 63 -31.03 -13.82 7.16
CA ILE B 63 -32.41 -13.39 7.35
C ILE B 63 -32.94 -13.92 8.66
N GLY B 64 -33.61 -13.06 9.44
CA GLY B 64 -34.15 -13.40 10.73
C GLY B 64 -33.20 -13.17 11.90
N ASP B 65 -31.90 -13.18 11.67
CA ASP B 65 -30.98 -12.92 12.78
C ASP B 65 -31.07 -11.47 13.24
N HIS B 66 -30.64 -11.23 14.48
CA HIS B 66 -30.61 -9.87 15.01
C HIS B 66 -29.42 -9.10 14.41
N MET B 67 -29.60 -7.79 14.28
CA MET B 67 -28.53 -6.93 13.74
C MET B 67 -27.45 -6.71 14.80
N GLY B 68 -26.21 -7.05 14.47
CA GLY B 68 -25.12 -6.77 15.37
C GLY B 68 -24.68 -5.32 15.29
N ALA B 69 -24.12 -4.83 16.41
CA ALA B 69 -23.63 -3.47 16.56
C ALA B 69 -22.86 -3.36 17.87
N ASP B 70 -22.09 -2.27 18.00
CA ASP B 70 -21.33 -1.98 19.22
C ASP B 70 -22.25 -1.40 20.30
N SER B 71 -22.07 -1.82 21.55
CA SER B 71 -22.98 -1.35 22.60
C SER B 71 -22.29 -1.26 23.95
N ILE B 72 -22.90 -0.47 24.83
CA ILE B 72 -22.57 -0.44 26.26
C ILE B 72 -23.70 -1.16 27.00
N MET B 73 -23.33 -2.13 27.84
CA MET B 73 -24.27 -3.04 28.48
C MET B 73 -24.00 -3.05 29.98
N GLN B 74 -24.96 -3.61 30.73
CA GLN B 74 -24.86 -3.69 32.18
C GLN B 74 -25.26 -5.08 32.61
N VAL B 75 -24.42 -5.71 33.43
CA VAL B 75 -24.68 -7.08 33.85
C VAL B 75 -25.81 -7.07 34.87
N LEU B 76 -26.94 -7.68 34.50
CA LEU B 76 -28.03 -7.91 35.45
C LEU B 76 -27.75 -9.11 36.34
N ASP B 77 -27.40 -10.23 35.73
CA ASP B 77 -27.29 -11.49 36.43
C ASP B 77 -26.15 -12.26 35.78
N ALA B 78 -25.48 -13.09 36.57
CA ALA B 78 -24.24 -13.69 36.12
C ALA B 78 -24.06 -15.05 36.76
N GLY B 79 -23.69 -16.03 35.95
CA GLY B 79 -23.35 -17.33 36.48
C GLY B 79 -22.17 -17.24 37.42
N PRO B 80 -21.86 -18.34 38.12
CA PRO B 80 -20.73 -18.29 39.07
C PRO B 80 -19.40 -18.08 38.37
N ASN B 81 -19.19 -18.72 37.22
CA ASN B 81 -17.95 -18.62 36.44
C ASN B 81 -18.00 -17.51 35.40
N ALA B 82 -18.87 -16.52 35.55
CA ALA B 82 -18.97 -15.45 34.58
C ALA B 82 -17.74 -14.56 34.65
N PRO B 83 -17.42 -13.86 33.56
CA PRO B 83 -16.28 -12.95 33.57
C PRO B 83 -16.55 -11.62 34.24
N PHE B 84 -17.79 -11.37 34.64
CA PHE B 84 -18.17 -10.08 35.20
C PHE B 84 -19.29 -10.28 36.20
N ARG B 85 -19.43 -9.32 37.12
CA ARG B 85 -20.42 -9.43 38.18
C ARG B 85 -21.57 -8.46 37.96
N PRO B 86 -22.76 -8.79 38.47
CA PRO B 86 -23.91 -7.88 38.31
C PRO B 86 -23.58 -6.45 38.69
N GLY B 87 -24.11 -5.52 37.92
CA GLY B 87 -23.77 -4.14 38.08
C GLY B 87 -22.62 -3.68 37.22
N ASP B 88 -21.76 -4.61 36.78
CA ASP B 88 -20.64 -4.24 35.93
C ASP B 88 -21.13 -3.69 34.59
N LEU B 89 -20.40 -2.71 34.06
CA LEU B 89 -20.65 -2.13 32.75
C LEU B 89 -19.61 -2.64 31.77
N VAL B 90 -20.06 -3.03 30.56
CA VAL B 90 -19.17 -3.61 29.57
C VAL B 90 -19.49 -3.05 28.19
N GLN B 91 -18.45 -2.92 27.38
CA GLN B 91 -18.57 -2.63 25.96
C GLN B 91 -18.31 -3.89 25.16
N GLY B 92 -19.19 -4.20 24.22
CA GLY B 92 -19.07 -5.39 23.40
C GLY B 92 -20.02 -5.27 22.24
N PHE B 93 -19.99 -6.29 21.37
CA PHE B 93 -20.81 -6.27 20.16
C PHE B 93 -22.18 -6.88 20.46
N GLY B 94 -22.94 -6.17 21.31
CA GLY B 94 -24.21 -6.67 21.80
C GLY B 94 -25.36 -6.64 20.80
N GLY B 95 -25.37 -5.66 19.91
CA GLY B 95 -26.37 -5.62 18.86
C GLY B 95 -27.60 -4.78 19.21
N TRP B 96 -28.51 -4.70 18.23
CA TRP B 96 -29.78 -3.97 18.40
C TRP B 96 -30.79 -4.87 19.12
N ARG B 97 -30.53 -5.09 20.42
CA ARG B 97 -31.38 -5.88 21.31
C ARG B 97 -31.42 -5.16 22.64
N THR B 98 -32.60 -5.14 23.28
CA THR B 98 -32.68 -4.48 24.59
C THR B 98 -32.02 -5.32 25.69
N HIS B 99 -32.00 -6.65 25.54
CA HIS B 99 -31.33 -7.54 26.48
C HIS B 99 -30.79 -8.75 25.71
N LEU B 100 -29.86 -9.48 26.33
CA LEU B 100 -29.24 -10.64 25.69
C LEU B 100 -28.55 -11.50 26.75
N VAL B 101 -28.37 -12.77 26.43
CA VAL B 101 -27.52 -13.68 27.19
C VAL B 101 -26.24 -13.95 26.39
N SER B 102 -25.09 -13.63 26.97
CA SER B 102 -23.81 -13.95 26.36
C SER B 102 -22.82 -14.29 27.45
N ASP B 103 -21.76 -15.00 27.06
CA ASP B 103 -20.66 -15.29 27.98
C ASP B 103 -19.49 -14.34 27.82
N GLY B 104 -19.63 -13.26 27.06
CA GLY B 104 -18.56 -12.30 26.90
C GLY B 104 -17.31 -12.79 26.16
N LYS B 105 -17.23 -14.05 25.75
CA LYS B 105 -16.01 -14.55 25.15
C LYS B 105 -15.91 -14.13 23.67
N PRO B 106 -14.70 -14.11 23.10
CA PRO B 106 -14.56 -13.73 21.69
C PRO B 106 -15.34 -14.68 20.80
N LYS B 107 -15.98 -14.12 19.79
CA LYS B 107 -16.87 -14.90 18.94
C LYS B 107 -16.48 -14.73 17.50
N LEU B 108 -16.44 -15.85 16.79
CA LEU B 108 -16.12 -15.83 15.38
C LEU B 108 -17.31 -15.27 14.62
N TRP B 109 -17.06 -14.35 13.69
CA TRP B 109 -18.12 -13.89 12.81
C TRP B 109 -18.17 -14.89 11.67
N GLN B 110 -19.02 -15.90 11.88
CA GLN B 110 -19.14 -17.08 11.05
C GLN B 110 -19.36 -16.72 9.58
N THR B 111 -20.26 -15.78 9.34
CA THR B 111 -20.75 -15.48 8.01
C THR B 111 -20.05 -14.28 7.38
N GLY B 112 -18.89 -13.86 7.92
CA GLY B 112 -18.21 -12.70 7.37
C GLY B 112 -17.65 -12.92 5.97
N THR B 113 -17.33 -11.81 5.31
CA THR B 113 -16.46 -11.92 4.14
C THR B 113 -15.11 -12.51 4.53
N PHE B 114 -14.64 -12.17 5.74
CA PHE B 114 -13.38 -12.50 6.37
C PHE B 114 -13.63 -13.28 7.64
N PRO B 115 -12.75 -14.16 8.01
CA PRO B 115 -12.90 -14.86 9.29
C PRO B 115 -12.58 -13.96 10.46
N MET B 116 -13.40 -12.94 10.67
CA MET B 116 -13.18 -11.98 11.75
C MET B 116 -13.71 -12.51 13.09
N VAL B 117 -13.07 -12.07 14.18
CA VAL B 117 -13.39 -12.51 15.54
C VAL B 117 -13.80 -11.30 16.37
N PHE B 118 -15.07 -11.20 16.73
CA PHE B 118 -15.46 -10.08 17.58
C PHE B 118 -14.79 -10.21 18.94
N PRO B 119 -14.35 -9.11 19.55
CA PRO B 119 -13.55 -9.21 20.77
C PRO B 119 -14.38 -9.63 21.97
N ALA B 120 -13.65 -9.99 23.03
CA ALA B 120 -14.25 -10.22 24.33
C ALA B 120 -14.86 -8.92 24.86
N TYR B 121 -15.93 -9.05 25.64
CA TYR B 121 -16.49 -7.89 26.32
C TYR B 121 -15.43 -7.25 27.21
N ARG B 122 -15.37 -5.92 27.18
CA ARG B 122 -14.40 -5.12 27.91
C ARG B 122 -15.10 -4.36 29.04
N LYS B 123 -14.75 -4.69 30.28
CA LYS B 123 -15.31 -4.01 31.43
C LYS B 123 -14.96 -2.54 31.40
N LEU B 124 -15.96 -1.69 31.58
CA LEU B 124 -15.73 -0.26 31.74
C LEU B 124 -15.66 0.07 33.23
N ASP B 125 -15.07 1.22 33.55
CA ASP B 125 -14.97 1.66 34.94
C ASP B 125 -15.50 3.08 35.06
N LEU B 126 -16.55 3.25 35.87
CA LEU B 126 -17.25 4.52 35.94
C LEU B 126 -16.37 5.63 36.47
N ARG B 127 -15.43 5.31 37.38
CA ARG B 127 -14.46 6.29 37.82
C ARG B 127 -13.86 7.01 36.62
N HIS B 128 -13.55 6.27 35.55
CA HIS B 128 -12.92 6.82 34.37
C HIS B 128 -13.78 7.84 33.63
N TYR B 129 -15.02 8.07 34.04
CA TYR B 129 -15.92 8.94 33.29
C TYR B 129 -16.49 10.01 34.19
N ASP B 130 -16.65 11.20 33.61
CA ASP B 130 -17.22 12.37 34.27
C ASP B 130 -18.08 13.07 33.23
N ASP B 131 -18.49 14.31 33.54
CA ASP B 131 -19.32 15.03 32.58
C ASP B 131 -18.50 15.42 31.35
N ALA B 132 -17.19 15.57 31.48
CA ALA B 132 -16.34 15.93 30.34
C ALA B 132 -16.19 14.75 29.39
N LEU B 133 -16.03 13.56 29.96
CA LEU B 133 -15.88 12.31 29.24
C LEU B 133 -16.98 11.38 29.72
N PRO B 134 -18.21 11.55 29.23
CA PRO B 134 -19.33 10.71 29.73
C PRO B 134 -19.12 9.23 29.43
N LEU B 135 -19.85 8.39 30.16
CA LEU B 135 -19.80 6.95 29.91
C LEU B 135 -20.04 6.60 28.45
N SER B 136 -20.85 7.38 27.74
CA SER B 136 -21.13 7.04 26.35
C SER B 136 -19.87 7.12 25.47
N THR B 137 -18.80 7.77 25.94
CA THR B 137 -17.58 7.83 25.16
C THR B 137 -16.96 6.46 24.93
N ALA B 138 -17.38 5.42 25.68
CA ALA B 138 -16.86 4.08 25.45
C ALA B 138 -17.29 3.50 24.10
N LEU B 139 -18.22 4.16 23.40
CA LEU B 139 -18.59 3.81 22.04
C LEU B 139 -18.03 4.79 21.03
N GLY B 140 -17.37 5.86 21.49
CA GLY B 140 -16.73 6.83 20.61
C GLY B 140 -15.26 7.04 20.92
N VAL B 141 -14.90 8.26 21.36
CA VAL B 141 -13.48 8.59 21.52
C VAL B 141 -12.79 7.64 22.49
N MET B 142 -13.50 7.16 23.52
CA MET B 142 -12.97 6.14 24.41
C MET B 142 -13.43 4.74 24.00
N GLY B 143 -13.70 4.53 22.71
CA GLY B 143 -14.08 3.22 22.26
C GLY B 143 -13.47 2.88 20.92
N GLY B 144 -14.27 2.25 20.06
CA GLY B 144 -13.84 1.88 18.74
C GLY B 144 -13.24 3.01 17.95
N PRO B 145 -14.04 4.02 17.60
CA PRO B 145 -13.53 5.06 16.70
C PRO B 145 -12.34 5.81 17.26
N GLY B 146 -12.34 6.13 18.55
CA GLY B 146 -11.16 6.74 19.14
C GLY B 146 -9.90 5.89 19.02
N MET B 147 -10.04 4.56 19.14
CA MET B 147 -8.88 3.70 19.02
C MET B 147 -8.40 3.58 17.58
N THR B 148 -9.31 3.75 16.61
CA THR B 148 -8.92 3.77 15.21
C THR B 148 -8.06 5.00 14.90
N ALA B 149 -8.49 6.18 15.33
CA ALA B 149 -7.73 7.39 15.02
C ALA B 149 -6.39 7.40 15.75
N TRP B 150 -6.42 7.25 17.09
CA TRP B 150 -5.20 7.33 17.89
C TRP B 150 -4.19 6.25 17.51
N GLY B 151 -4.65 5.03 17.31
CA GLY B 151 -3.75 3.97 16.89
C GLY B 151 -3.05 4.25 15.59
N THR B 152 -3.79 4.78 14.60
CA THR B 152 -3.16 5.10 13.32
C THR B 152 -2.09 6.16 13.48
N MET B 153 -2.38 7.20 14.28
CA MET B 153 -1.49 8.36 14.37
C MET B 153 -0.32 8.15 15.31
N THR B 154 -0.32 7.10 16.12
CA THR B 154 0.82 6.76 16.95
C THR B 154 1.48 5.46 16.57
N LYS B 155 0.80 4.57 15.83
CA LYS B 155 1.38 3.29 15.46
C LYS B 155 1.74 3.16 13.98
N PHE B 156 1.21 4.03 13.10
CA PHE B 156 1.54 3.95 11.67
C PHE B 156 2.05 5.26 11.11
N MET B 157 1.16 6.26 11.05
CA MET B 157 1.54 7.54 10.47
C MET B 157 2.46 8.30 11.40
N GLN B 158 3.51 8.87 10.81
CA GLN B 158 4.45 9.71 11.52
C GLN B 158 4.26 11.12 10.99
N VAL B 159 3.26 11.82 11.53
CA VAL B 159 3.00 13.19 11.09
C VAL B 159 4.08 14.08 11.66
N ARG B 160 4.72 14.84 10.78
CA ARG B 160 5.84 15.69 11.12
C ARG B 160 5.49 17.14 10.80
N PRO B 161 6.00 18.11 11.57
CA PRO B 161 5.65 19.51 11.32
C PRO B 161 5.92 19.90 9.88
N GLY B 162 4.91 20.45 9.23
CA GLY B 162 5.01 20.90 7.85
C GLY B 162 4.34 20.01 6.83
N ASP B 163 3.93 18.79 7.22
CA ASP B 163 3.25 17.89 6.30
C ASP B 163 1.96 18.51 5.77
N THR B 164 1.50 18.01 4.63
CA THR B 164 0.12 18.21 4.20
C THR B 164 -0.66 16.90 4.38
N VAL B 165 -1.63 16.89 5.29
CA VAL B 165 -2.45 15.73 5.61
C VAL B 165 -3.82 15.88 4.98
N VAL B 166 -4.29 14.86 4.28
CA VAL B 166 -5.61 14.87 3.63
C VAL B 166 -6.47 13.76 4.24
N VAL B 167 -7.67 14.11 4.73
CA VAL B 167 -8.60 13.16 5.33
C VAL B 167 -9.89 13.15 4.51
N SER B 168 -10.09 12.07 3.74
CA SER B 168 -11.41 11.81 3.14
C SER B 168 -12.38 11.26 4.19
N GLY B 169 -13.62 11.75 4.16
CA GLY B 169 -14.58 11.46 5.22
C GLY B 169 -14.24 12.12 6.55
N ALA B 170 -14.10 13.45 6.55
CA ALA B 170 -13.58 14.16 7.72
C ALA B 170 -14.65 14.58 8.73
N SER B 171 -15.92 14.63 8.36
CA SER B 171 -16.95 15.12 9.26
C SER B 171 -17.16 14.26 10.49
N GLY B 172 -17.07 12.94 10.34
CA GLY B 172 -17.34 12.03 11.44
C GLY B 172 -16.29 12.12 12.53
N MET B 173 -16.51 11.31 13.59
CA MET B 173 -15.59 11.34 14.73
C MET B 173 -14.18 10.91 14.35
N ILE B 174 -14.05 9.98 13.42
CA ILE B 174 -12.72 9.48 13.09
C ILE B 174 -11.95 10.50 12.27
N GLY B 175 -12.54 11.03 11.18
CA GLY B 175 -11.86 12.06 10.42
C GLY B 175 -11.53 13.30 11.25
N THR B 176 -12.52 13.79 12.00
CA THR B 176 -12.33 14.88 12.94
C THR B 176 -11.19 14.61 13.91
N LEU B 177 -11.11 13.40 14.44
CA LEU B 177 -10.05 13.11 15.41
C LEU B 177 -8.68 13.05 14.76
N VAL B 178 -8.61 12.46 13.56
CA VAL B 178 -7.36 12.44 12.80
C VAL B 178 -6.87 13.86 12.55
N GLY B 179 -7.74 14.72 12.02
CA GLY B 179 -7.31 16.08 11.68
C GLY B 179 -6.73 16.81 12.87
N GLN B 180 -7.41 16.73 14.01
CA GLN B 180 -6.95 17.47 15.18
C GLN B 180 -5.61 16.96 15.70
N MET B 181 -5.37 15.66 15.63
CA MET B 181 -4.07 15.14 16.03
C MET B 181 -2.99 15.50 15.02
N ALA B 182 -3.35 15.48 13.72
CA ALA B 182 -2.44 15.89 12.67
C ALA B 182 -2.08 17.37 12.82
N LYS B 183 -3.06 18.19 13.17
CA LYS B 183 -2.77 19.60 13.38
C LYS B 183 -1.84 19.82 14.57
N ARG B 184 -2.01 19.03 15.64
CA ARG B 184 -1.14 19.15 16.81
C ARG B 184 0.31 18.74 16.51
N ALA B 185 0.52 17.92 15.48
CA ALA B 185 1.87 17.56 15.04
C ALA B 185 2.43 18.56 14.03
N GLY B 186 1.68 19.61 13.70
CA GLY B 186 2.19 20.65 12.85
C GLY B 186 1.69 20.60 11.43
N ALA B 187 0.79 19.69 11.11
CA ALA B 187 0.46 19.51 9.70
C ALA B 187 -0.53 20.57 9.21
N ARG B 188 -0.60 20.69 7.89
CA ARG B 188 -1.71 21.35 7.24
C ARG B 188 -2.75 20.27 6.95
N VAL B 189 -3.91 20.37 7.59
CA VAL B 189 -4.94 19.34 7.51
C VAL B 189 -6.01 19.78 6.51
N VAL B 190 -6.21 19.00 5.46
CA VAL B 190 -7.29 19.21 4.51
C VAL B 190 -8.28 18.06 4.65
N GLY B 191 -9.58 18.36 4.52
CA GLY B 191 -10.63 17.38 4.67
C GLY B 191 -11.64 17.43 3.54
N THR B 192 -12.65 16.55 3.64
CA THR B 192 -13.88 16.69 2.89
C THR B 192 -15.05 16.62 3.87
N ALA B 193 -16.16 17.26 3.48
CA ALA B 193 -17.42 17.21 4.21
C ALA B 193 -18.55 17.44 3.21
N GLY B 194 -19.79 17.32 3.69
CA GLY B 194 -20.93 17.26 2.80
C GLY B 194 -21.78 18.50 2.71
N SER B 195 -21.57 19.43 3.63
CA SER B 195 -22.40 20.62 3.72
C SER B 195 -21.52 21.86 3.57
N ALA B 196 -22.12 23.01 3.87
CA ALA B 196 -21.35 24.16 4.29
C ALA B 196 -21.26 24.24 5.81
N GLY B 197 -22.29 23.75 6.51
CA GLY B 197 -22.32 23.84 7.96
C GLY B 197 -21.32 22.93 8.64
N LYS B 198 -21.02 21.78 8.02
CA LYS B 198 -20.00 20.90 8.58
C LYS B 198 -18.62 21.33 8.13
N ALA B 199 -18.51 21.76 6.86
CA ALA B 199 -17.30 22.41 6.38
C ALA B 199 -16.83 23.50 7.33
N ARG B 200 -17.77 24.31 7.83
CA ARG B 200 -17.45 25.36 8.79
C ARG B 200 -17.22 24.81 10.19
N TYR B 201 -17.83 23.66 10.51
CA TYR B 201 -17.56 22.98 11.78
C TYR B 201 -16.13 22.44 11.82
N LEU B 202 -15.65 21.89 10.69
CA LEU B 202 -14.29 21.35 10.65
C LEU B 202 -13.26 22.47 10.71
N SER B 203 -13.39 23.46 9.83
CA SER B 203 -12.52 24.64 9.87
C SER B 203 -12.41 25.18 11.27
N GLN B 204 -13.56 25.48 11.89
CA GLN B 204 -13.57 25.98 13.26
C GLN B 204 -12.90 25.00 14.22
N LEU B 205 -12.76 23.73 13.83
CA LEU B 205 -12.00 22.78 14.61
C LEU B 205 -10.51 22.83 14.30
N GLY B 206 -10.12 23.58 13.27
CA GLY B 206 -8.71 23.78 12.93
C GLY B 206 -8.31 23.29 11.55
N PHE B 207 -9.23 22.77 10.73
CA PHE B 207 -8.90 22.40 9.36
C PHE B 207 -8.50 23.64 8.57
N ASP B 208 -7.53 23.50 7.67
CA ASP B 208 -7.09 24.62 6.85
C ASP B 208 -7.82 24.72 5.53
N ALA B 209 -8.36 23.61 5.05
CA ALA B 209 -9.23 23.59 3.88
C ALA B 209 -10.22 22.45 4.06
N VAL B 210 -11.40 22.61 3.44
CA VAL B 210 -12.42 21.56 3.39
C VAL B 210 -13.07 21.55 2.02
N ILE B 211 -12.71 20.57 1.18
CA ILE B 211 -13.41 20.36 -0.10
C ILE B 211 -14.83 19.87 0.16
N ASP B 212 -15.76 20.29 -0.70
CA ASP B 212 -17.12 19.77 -0.67
C ASP B 212 -17.21 18.61 -1.67
N TYR B 213 -17.38 17.38 -1.15
CA TYR B 213 -17.30 16.20 -2.01
C TYR B 213 -18.49 16.07 -2.93
N LYS B 214 -19.59 16.78 -2.66
CA LYS B 214 -20.75 16.73 -3.53
C LYS B 214 -20.58 17.64 -4.74
N LEU B 215 -19.93 18.81 -4.57
CA LEU B 215 -19.51 19.59 -5.73
C LEU B 215 -18.54 18.79 -6.58
N ALA B 216 -17.58 18.14 -5.93
CA ALA B 216 -16.50 17.40 -6.59
C ALA B 216 -16.95 15.98 -6.96
N ASP B 217 -17.74 15.89 -8.03
CA ASP B 217 -18.24 14.59 -8.47
C ASP B 217 -17.10 13.70 -8.95
N ASP B 218 -16.12 14.30 -9.61
CA ASP B 218 -15.21 13.59 -10.50
C ASP B 218 -13.80 13.52 -9.91
N ALA B 219 -13.01 12.57 -10.43
CA ALA B 219 -11.58 12.54 -10.15
C ALA B 219 -10.90 13.81 -10.68
N ASP B 220 -11.34 14.29 -11.84
CA ASP B 220 -10.83 15.55 -12.37
C ASP B 220 -11.20 16.71 -11.45
N LYS B 221 -12.50 16.91 -11.22
CA LYS B 221 -12.93 18.01 -10.35
C LYS B 221 -12.25 17.94 -8.98
N MET B 222 -11.94 16.72 -8.51
CA MET B 222 -11.33 16.56 -7.18
C MET B 222 -9.83 16.87 -7.19
N ARG B 223 -9.12 16.54 -8.27
CA ARG B 223 -7.74 16.95 -8.37
C ARG B 223 -7.62 18.47 -8.26
N GLU B 224 -8.46 19.20 -8.99
CA GLU B 224 -8.35 20.66 -9.02
C GLU B 224 -8.55 21.25 -7.63
N ALA B 225 -9.56 20.78 -6.90
CA ALA B 225 -9.78 21.30 -5.56
C ALA B 225 -8.66 20.91 -4.61
N LEU B 226 -8.09 19.71 -4.80
CA LEU B 226 -6.96 19.28 -3.99
C LEU B 226 -5.70 20.10 -4.31
N ARG B 227 -5.38 20.19 -5.60
CA ARG B 227 -4.24 20.99 -6.01
C ARG B 227 -4.29 22.30 -5.31
N GLU B 228 -5.43 22.95 -5.37
CA GLU B 228 -5.63 24.20 -4.66
C GLU B 228 -5.47 23.99 -3.15
N ALA B 229 -6.18 23.01 -2.59
CA ALA B 229 -6.19 22.84 -1.15
C ALA B 229 -4.84 22.40 -0.62
N ALA B 230 -4.09 21.63 -1.41
CA ALA B 230 -2.78 21.11 -1.03
C ALA B 230 -1.86 21.34 -2.22
N PRO B 231 -1.19 22.50 -2.28
CA PRO B 231 -0.37 22.83 -3.46
C PRO B 231 0.98 22.12 -3.47
N ASP B 232 1.53 21.89 -2.27
CA ASP B 232 2.75 21.14 -2.06
C ASP B 232 2.54 19.62 -2.07
N GLY B 233 1.40 19.13 -2.55
CA GLY B 233 1.13 17.70 -2.59
C GLY B 233 0.74 17.12 -1.24
N VAL B 234 0.54 15.79 -1.26
CA VAL B 234 0.10 15.03 -0.08
C VAL B 234 1.27 14.22 0.44
N ASP B 235 1.56 14.37 1.73
CA ASP B 235 2.46 13.47 2.44
C ASP B 235 1.74 12.42 3.28
N LYS B 236 0.51 12.68 3.72
CA LYS B 236 -0.26 11.71 4.49
C LYS B 236 -1.70 11.75 4.02
N TYR B 237 -2.34 10.58 3.97
CA TYR B 237 -3.72 10.44 3.53
C TYR B 237 -4.44 9.40 4.39
N PHE B 238 -5.42 9.84 5.18
CA PHE B 238 -6.34 8.97 5.89
C PHE B 238 -7.59 8.79 5.03
N ASP B 239 -7.76 7.61 4.44
CA ASP B 239 -8.80 7.30 3.47
C ASP B 239 -9.96 6.55 4.14
N SER B 240 -11.18 7.09 3.99
CA SER B 240 -12.41 6.41 4.42
C SER B 240 -13.37 6.21 3.28
N ILE B 241 -13.08 6.78 2.11
CA ILE B 241 -14.03 6.91 1.04
C ILE B 241 -13.63 6.09 -0.18
N GLY B 242 -12.33 6.04 -0.49
CA GLY B 242 -11.90 5.40 -1.70
C GLY B 242 -12.47 6.12 -2.91
N GLY B 243 -12.65 5.37 -3.99
CA GLY B 243 -13.32 5.98 -5.10
C GLY B 243 -12.50 7.10 -5.72
N SER B 244 -13.22 8.07 -6.28
CA SER B 244 -12.60 9.08 -7.15
C SER B 244 -11.71 10.05 -6.36
N VAL B 245 -12.04 10.32 -5.10
CA VAL B 245 -11.20 11.19 -4.28
C VAL B 245 -9.85 10.56 -4.01
N THR B 246 -9.83 9.25 -3.75
CA THR B 246 -8.58 8.51 -3.58
C THR B 246 -7.79 8.45 -4.88
N ASP B 247 -8.47 8.26 -6.01
CA ASP B 247 -7.80 8.31 -7.30
C ASP B 247 -7.14 9.66 -7.52
N ALA B 248 -7.71 10.72 -6.97
CA ALA B 248 -7.09 12.03 -7.10
C ALA B 248 -5.85 12.13 -6.22
N VAL B 249 -5.98 11.74 -4.93
CA VAL B 249 -4.88 11.90 -4.00
C VAL B 249 -3.66 11.10 -4.44
N PHE B 250 -3.87 9.94 -5.07
CA PHE B 250 -2.77 9.12 -5.56
C PHE B 250 -2.06 9.74 -6.77
N SER B 251 -2.62 10.78 -7.36
CA SER B 251 -1.95 11.46 -8.46
C SER B 251 -1.00 12.55 -7.99
N MET B 252 -0.94 12.82 -6.69
CA MET B 252 -0.12 13.90 -6.15
C MET B 252 0.57 13.47 -4.87
N LEU B 253 0.95 12.19 -4.78
CA LEU B 253 1.62 11.67 -3.59
C LEU B 253 3.05 12.19 -3.55
N ASN B 254 3.47 12.67 -2.38
CA ASN B 254 4.85 13.11 -2.21
C ASN B 254 5.75 11.92 -1.84
N VAL B 255 7.03 12.22 -1.69
CA VAL B 255 8.03 11.20 -1.45
C VAL B 255 7.96 10.78 0.00
N GLY B 256 7.93 9.48 0.25
CA GLY B 256 7.78 8.98 1.61
C GLY B 256 6.40 9.20 2.17
N SER B 257 5.42 9.47 1.31
CA SER B 257 4.06 9.66 1.76
C SER B 257 3.52 8.35 2.33
N GLN B 258 2.60 8.50 3.29
CA GLN B 258 1.90 7.41 3.93
C GLN B 258 0.41 7.50 3.64
N VAL B 259 -0.21 6.38 3.27
CA VAL B 259 -1.65 6.25 3.13
C VAL B 259 -2.15 5.16 4.06
N ALA B 260 -3.16 5.49 4.86
CA ALA B 260 -3.84 4.55 5.73
C ALA B 260 -5.24 4.34 5.19
N VAL B 261 -5.63 3.09 4.99
CA VAL B 261 -6.91 2.76 4.39
C VAL B 261 -7.86 2.31 5.49
N CYS B 262 -8.80 3.19 5.83
CA CYS B 262 -9.78 3.00 6.88
C CYS B 262 -11.07 2.39 6.35
N TRP B 263 -11.54 2.85 5.20
CA TRP B 263 -12.76 2.34 4.60
C TRP B 263 -12.75 2.65 3.11
N GLN B 264 -13.69 2.07 2.39
CA GLN B 264 -13.85 2.36 0.98
C GLN B 264 -15.34 2.53 0.70
N TRP B 265 -15.94 3.56 1.33
CA TRP B 265 -17.36 3.84 1.16
C TRP B 265 -17.79 3.76 -0.30
N ALA B 266 -17.01 4.37 -1.21
CA ALA B 266 -17.40 4.38 -2.62
C ALA B 266 -17.54 2.98 -3.20
N THR B 267 -16.82 1.99 -2.66
CA THR B 267 -16.99 0.63 -3.14
C THR B 267 -18.00 -0.15 -2.28
N GLN B 268 -17.88 -0.04 -0.96
CA GLN B 268 -18.76 -0.75 -0.05
C GLN B 268 -20.22 -0.30 -0.21
N VAL B 269 -20.47 1.01 -0.19
CA VAL B 269 -21.85 1.55 -0.21
C VAL B 269 -22.29 1.88 -1.63
N GLN B 270 -21.46 2.62 -2.39
CA GLN B 270 -21.83 3.10 -3.72
C GLN B 270 -21.51 2.12 -4.84
N ARG B 271 -20.95 0.94 -4.50
CA ARG B 271 -20.76 -0.21 -5.40
C ARG B 271 -19.84 0.12 -6.59
N ASP B 272 -18.95 1.10 -6.44
CA ASP B 272 -17.99 1.41 -7.50
C ASP B 272 -16.79 0.47 -7.36
N TYR B 273 -16.71 -0.53 -8.24
CA TYR B 273 -15.71 -1.57 -8.11
C TYR B 273 -14.52 -1.41 -9.05
N HIS B 274 -14.63 -0.63 -10.12
CA HIS B 274 -13.50 -0.41 -11.02
C HIS B 274 -13.09 1.05 -11.04
N GLY B 275 -11.81 1.25 -11.38
CA GLY B 275 -11.15 2.53 -11.35
C GLY B 275 -9.76 2.44 -11.96
N PRO B 276 -9.07 3.58 -12.01
CA PRO B 276 -7.67 3.55 -12.45
C PRO B 276 -6.84 2.66 -11.54
N ARG B 277 -5.93 1.92 -12.14
CA ARG B 277 -4.98 1.20 -11.33
C ARG B 277 -4.13 2.20 -10.58
N LEU B 278 -4.13 2.08 -9.25
CA LEU B 278 -3.47 3.00 -8.34
C LEU B 278 -2.04 2.61 -8.03
N LEU B 279 -1.73 1.31 -7.97
CA LEU B 279 -0.38 0.88 -7.64
C LEU B 279 0.69 1.51 -8.52
N PRO B 280 0.52 1.70 -9.85
CA PRO B 280 1.59 2.30 -10.64
C PRO B 280 1.94 3.75 -10.31
N TYR B 281 1.28 4.35 -9.35
CA TYR B 281 1.54 5.74 -8.96
C TYR B 281 2.32 5.84 -7.67
N ILE B 282 2.68 4.72 -7.07
CA ILE B 282 3.30 4.74 -5.76
C ILE B 282 4.77 4.40 -5.80
N MET B 283 5.29 3.93 -6.94
CA MET B 283 6.66 3.43 -7.00
C MET B 283 7.67 4.56 -6.83
N PHE B 284 7.59 5.58 -7.68
CA PHE B 284 8.52 6.69 -7.51
C PHE B 284 8.35 7.39 -6.17
N PRO B 285 7.13 7.62 -5.66
CA PRO B 285 7.00 8.30 -4.36
C PRO B 285 7.44 7.48 -3.19
N ARG B 286 7.71 6.19 -3.39
CA ARG B 286 7.92 5.24 -2.28
C ARG B 286 6.80 5.39 -1.25
N ALA B 287 5.57 5.44 -1.75
CA ALA B 287 4.43 5.58 -0.86
C ALA B 287 4.23 4.28 -0.07
N THR B 288 3.89 4.41 1.20
CA THR B 288 3.52 3.26 2.02
C THR B 288 2.01 3.30 2.23
N ILE B 289 1.33 2.20 1.92
CA ILE B 289 -0.12 2.05 2.04
C ILE B 289 -0.40 0.94 3.03
N ARG B 290 -1.16 1.23 4.08
CA ARG B 290 -1.46 0.22 5.08
C ARG B 290 -2.96 0.12 5.33
N GLY B 291 -3.50 -1.10 5.22
CA GLY B 291 -4.88 -1.33 5.61
C GLY B 291 -5.02 -1.22 7.12
N ILE B 292 -6.14 -0.65 7.55
CA ILE B 292 -6.45 -0.51 8.98
C ILE B 292 -7.54 -1.50 9.36
N PHE B 293 -7.39 -2.12 10.53
CA PHE B 293 -8.37 -3.02 11.12
C PHE B 293 -8.17 -2.93 12.64
N SER B 294 -8.74 -1.88 13.21
CA SER B 294 -8.40 -1.45 14.56
C SER B 294 -8.63 -2.53 15.63
N LEU B 295 -9.46 -3.55 15.34
CA LEU B 295 -9.57 -4.66 16.27
C LEU B 295 -8.21 -5.18 16.75
N GLU B 296 -7.13 -4.97 15.98
CA GLU B 296 -5.83 -5.46 16.40
C GLU B 296 -5.27 -4.70 17.58
N TRP B 297 -5.71 -3.46 17.79
CA TRP B 297 -5.22 -2.66 18.91
C TRP B 297 -6.05 -2.82 20.19
N PHE B 298 -7.16 -3.58 20.15
CA PHE B 298 -7.99 -3.77 21.34
C PHE B 298 -7.25 -4.64 22.36
N THR B 299 -6.32 -4.01 23.08
CA THR B 299 -5.53 -4.68 24.11
C THR B 299 -5.60 -3.83 25.38
N GLU B 300 -5.45 -4.49 26.54
CA GLU B 300 -5.53 -3.75 27.80
C GLU B 300 -4.54 -2.60 27.84
N GLN B 301 -3.28 -2.87 27.45
CA GLN B 301 -2.27 -1.81 27.44
C GLN B 301 -2.70 -0.66 26.53
N ASN B 302 -3.33 -0.97 25.41
CA ASN B 302 -3.65 0.10 24.47
C ASN B 302 -4.83 0.94 24.95
N TRP B 303 -5.74 0.36 25.74
CA TRP B 303 -6.85 1.17 26.24
C TRP B 303 -6.36 2.17 27.28
N SER B 304 -5.60 1.69 28.28
CA SER B 304 -5.06 2.59 29.30
C SER B 304 -4.28 3.71 28.66
N ALA B 305 -3.50 3.38 27.63
CA ALA B 305 -2.81 4.40 26.86
C ALA B 305 -3.79 5.39 26.24
N LEU B 306 -4.85 4.88 25.58
CA LEU B 306 -5.81 5.76 24.91
C LEU B 306 -6.49 6.68 25.91
N HIS B 307 -6.92 6.15 27.06
CA HIS B 307 -7.47 6.99 28.10
C HIS B 307 -6.50 8.12 28.42
N GLU B 308 -5.26 7.77 28.79
CA GLU B 308 -4.34 8.76 29.30
C GLU B 308 -3.95 9.79 28.25
N GLU B 309 -3.70 9.36 27.02
CA GLU B 309 -3.28 10.33 26.02
C GLU B 309 -4.44 11.21 25.57
N LEU B 310 -5.58 10.60 25.27
CA LEU B 310 -6.72 11.35 24.73
C LEU B 310 -7.64 11.90 25.81
N GLY B 311 -7.86 11.11 26.88
CA GLY B 311 -8.71 11.58 27.97
C GLY B 311 -8.19 12.84 28.61
N GLY B 312 -6.88 13.00 28.68
CA GLY B 312 -6.30 14.29 28.99
C GLY B 312 -6.83 15.36 28.05
N LEU B 313 -6.49 15.23 26.76
CA LEU B 313 -6.76 16.31 25.81
C LEU B 313 -8.26 16.58 25.68
N VAL B 314 -9.08 15.52 25.62
CA VAL B 314 -10.52 15.71 25.48
C VAL B 314 -11.06 16.49 26.67
N ARG B 315 -10.67 16.07 27.88
CA ARG B 315 -11.18 16.71 29.10
C ARG B 315 -10.75 18.17 29.19
N ARG B 316 -9.47 18.45 28.86
CA ARG B 316 -8.91 19.81 28.93
C ARG B 316 -9.29 20.68 27.72
N GLN B 317 -10.27 20.27 26.91
CA GLN B 317 -10.84 21.02 25.79
C GLN B 317 -9.90 21.18 24.60
N GLU B 318 -8.73 20.52 24.63
CA GLU B 318 -7.78 20.52 23.52
C GLU B 318 -8.13 19.52 22.43
N LEU B 319 -9.21 18.75 22.58
CA LEU B 319 -9.58 17.74 21.61
C LEU B 319 -11.10 17.59 21.68
N VAL B 320 -11.76 17.89 20.58
CA VAL B 320 -13.22 17.93 20.52
C VAL B 320 -13.75 16.57 20.08
N ALA B 321 -14.39 15.86 21.01
CA ALA B 321 -15.02 14.56 20.75
C ALA B 321 -16.52 14.68 20.96
N HIS B 322 -17.16 15.43 20.06
CA HIS B 322 -18.60 15.63 20.11
C HIS B 322 -19.34 14.31 19.88
N GLU B 323 -20.62 14.29 20.27
CA GLU B 323 -21.44 13.11 20.07
C GLU B 323 -22.90 13.53 19.90
N THR B 324 -23.63 12.72 19.14
CA THR B 324 -25.03 12.96 18.81
C THR B 324 -25.83 11.74 19.27
N VAL B 325 -26.42 11.81 20.47
CA VAL B 325 -27.09 10.69 21.12
C VAL B 325 -28.59 10.80 20.89
N GLN B 326 -29.13 9.97 19.98
CA GLN B 326 -30.56 9.81 19.78
C GLN B 326 -31.19 8.97 20.90
N ASP B 327 -32.41 9.33 21.31
CA ASP B 327 -33.10 8.66 22.42
C ASP B 327 -34.18 7.72 21.89
N GLY B 328 -34.22 6.50 22.41
CA GLY B 328 -35.29 5.60 22.08
C GLY B 328 -34.92 4.39 21.23
N PHE B 329 -35.11 3.19 21.80
CA PHE B 329 -34.76 1.95 21.10
C PHE B 329 -35.51 1.81 19.79
N GLU B 330 -36.76 2.29 19.73
CA GLU B 330 -37.54 2.18 18.50
C GLU B 330 -36.97 3.03 17.37
N HIS B 331 -36.02 3.92 17.67
CA HIS B 331 -35.49 4.84 16.67
C HIS B 331 -34.14 4.43 16.12
N ILE B 332 -33.57 3.32 16.58
CA ILE B 332 -32.23 2.92 16.14
C ILE B 332 -32.10 2.89 14.62
N PRO B 333 -32.99 2.28 13.85
CA PRO B 333 -32.79 2.27 12.39
C PRO B 333 -32.94 3.64 11.73
N ALA B 334 -33.72 4.55 12.31
CA ALA B 334 -33.80 5.90 11.75
C ALA B 334 -32.49 6.65 11.98
N ALA B 335 -31.92 6.51 13.18
CA ALA B 335 -30.62 7.11 13.46
C ALA B 335 -29.55 6.53 12.55
N TYR B 336 -29.63 5.23 12.28
CA TYR B 336 -28.67 4.61 11.38
C TYR B 336 -28.84 5.18 9.97
N GLN B 337 -30.08 5.49 9.58
CA GLN B 337 -30.35 5.93 8.23
C GLN B 337 -29.76 7.32 7.98
N THR B 338 -29.63 8.15 9.03
CA THR B 338 -29.17 9.51 8.81
C THR B 338 -27.69 9.54 8.40
N LEU B 339 -26.89 8.57 8.85
CA LEU B 339 -25.52 8.45 8.37
C LEU B 339 -25.45 8.46 6.85
N PHE B 340 -26.52 8.03 6.17
CA PHE B 340 -26.49 7.92 4.73
C PHE B 340 -27.33 8.96 4.00
N SER B 341 -28.31 9.55 4.67
CA SER B 341 -29.30 10.38 3.99
C SER B 341 -29.47 11.75 4.60
N ALA B 342 -29.08 11.95 5.85
CA ALA B 342 -29.45 13.15 6.62
C ALA B 342 -28.36 13.43 7.65
N SER B 343 -27.11 13.35 7.22
CA SER B 343 -25.98 13.62 8.12
C SER B 343 -25.81 15.10 8.41
N GLU B 344 -26.41 15.98 7.59
CA GLU B 344 -26.24 17.43 7.69
C GLU B 344 -26.44 17.95 9.10
N SER B 345 -27.14 17.19 9.93
CA SER B 345 -27.47 17.56 11.29
C SER B 345 -26.66 16.80 12.36
N ASN B 346 -25.85 15.81 11.98
CA ASN B 346 -25.10 14.98 12.92
C ASN B 346 -23.77 15.63 13.28
N ARG B 347 -23.31 15.32 14.48
CA ARG B 347 -22.08 15.93 14.98
C ARG B 347 -21.27 14.92 15.74
N GLY B 348 -20.19 14.49 15.13
CA GLY B 348 -19.34 13.48 15.72
C GLY B 348 -19.98 12.11 15.65
N LYS B 349 -19.82 11.36 16.74
CA LYS B 349 -20.30 10.00 16.85
C LYS B 349 -21.83 9.97 17.04
N VAL B 350 -22.51 9.14 16.27
CA VAL B 350 -23.96 8.95 16.43
C VAL B 350 -24.21 7.70 17.27
N LEU B 351 -24.96 7.88 18.35
CA LEU B 351 -25.32 6.79 19.25
C LEU B 351 -26.82 6.82 19.45
N VAL B 352 -27.32 5.81 20.15
CA VAL B 352 -28.73 5.79 20.54
C VAL B 352 -28.81 5.39 22.01
N ARG B 353 -29.41 6.24 22.83
CA ARG B 353 -29.60 5.92 24.24
C ARG B 353 -30.90 5.13 24.37
N VAL B 354 -30.81 3.94 24.95
CA VAL B 354 -31.92 3.02 25.13
C VAL B 354 -32.46 3.12 26.56
PA NAP C . 12.90 -8.87 -16.41
O1A NAP C . 14.12 -9.01 -17.28
O2A NAP C . 12.38 -10.03 -15.62
O5B NAP C . 11.68 -8.41 -17.41
C5B NAP C . 11.25 -9.32 -18.42
C4B NAP C . 10.86 -10.71 -17.87
O4B NAP C . 9.56 -10.72 -17.24
C3B NAP C . 10.88 -11.85 -18.91
O3B NAP C . 12.02 -12.69 -18.77
C2B NAP C . 9.51 -12.58 -18.75
O2B NAP C . 9.69 -13.84 -18.21
C1B NAP C . 8.71 -11.74 -17.73
N9A NAP C . 7.47 -11.19 -18.25
C8A NAP C . 7.27 -10.42 -19.36
N7A NAP C . 6.04 -10.06 -19.55
C5A NAP C . 5.36 -10.62 -18.50
C6A NAP C . 3.99 -10.59 -18.16
N6A NAP C . 3.10 -9.94 -18.90
N1A NAP C . 3.62 -11.25 -17.04
C2A NAP C . 4.55 -11.89 -16.32
N3A NAP C . 5.87 -11.99 -16.55
C4A NAP C . 6.23 -11.33 -17.67
O3 NAP C . 13.14 -7.74 -15.23
PN NAP C . 13.93 -7.96 -13.75
O1N NAP C . 15.42 -7.86 -13.90
O2N NAP C . 13.26 -9.05 -12.90
O5D NAP C . 13.49 -6.55 -13.02
C5D NAP C . 12.17 -6.34 -12.61
C4D NAP C . 11.49 -5.14 -13.30
O4D NAP C . 11.46 -4.01 -12.39
C3D NAP C . 12.14 -4.67 -14.61
O3D NAP C . 11.13 -4.68 -15.58
C2D NAP C . 12.62 -3.24 -14.28
O2D NAP C . 12.33 -2.33 -15.30
C1D NAP C . 11.88 -2.84 -12.97
N1N NAP C . 12.72 -2.19 -11.93
C2N NAP C . 12.22 -1.29 -11.06
C3N NAP C . 13.03 -0.73 -10.07
C7N NAP C . 12.58 0.31 -9.07
O7N NAP C . 13.42 0.82 -8.35
N7N NAP C . 11.27 0.64 -9.07
C4N NAP C . 14.36 -1.13 -10.00
C5N NAP C . 14.83 -2.07 -10.92
C6N NAP C . 13.98 -2.59 -11.86
P2B NAP C . 9.80 -15.19 -19.30
O1X NAP C . 8.69 -14.89 -20.30
O2X NAP C . 11.22 -15.07 -19.81
O3X NAP C . 9.59 -16.41 -18.41
C1 E8T D . 13.77 2.65 -12.50
C2 E8T D . 14.49 3.97 -12.90
C3 E8T D . 12.40 2.97 -11.98
C4 E8T D . 13.64 4.92 -13.78
C6 E8T D . 11.18 5.64 -15.65
O5 E8T D . 11.15 6.36 -14.63
C7 E8T D . 12.30 4.70 -15.92
C8 E8T D . 13.34 4.41 -15.15
C9 E8T D . 8.01 5.97 -15.47
C10 E8T D . 9.01 6.51 -16.48
N11 E8T D . 10.21 5.68 -16.59
C12 E8T D . 7.38 4.64 -15.87
C13 E8T D . 9.99 3.44 -12.16
C14 E8T D . 11.25 2.93 -12.64
C15 E8T D . 7.60 4.20 -12.50
C16 E8T D . 8.86 3.60 -12.94
N17 E8T D . 6.72 4.19 -13.51
C18 E8T D . 7.27 3.62 -14.73
C19 E8T D . 8.68 3.18 -14.30
O20 E8T D . 7.35 4.65 -11.35
O21 E8T D . 9.44 2.59 -15.06
C22 E8T D . 15.82 3.61 -13.51
C23 E8T D . 16.70 2.83 -12.52
C24 E8T D . 16.04 1.55 -12.07
C25 E8T D . 14.64 1.85 -11.53
C26 E8T D . 16.75 4.75 -13.93
C27 E8T D . 18.12 4.08 -14.08
C28 E8T D . 18.04 2.76 -13.26
C29 E8T D . 19.31 4.79 -13.44
C30 E8T D . 20.29 3.65 -13.15
C31 E8T D . 19.36 2.62 -12.46
O32 E8T D . 16.84 0.85 -11.11
C33 E8T D . 19.91 1.20 -12.41
C34 E8T D . 21.58 4.05 -12.42
O35 E8T D . 9.95 3.89 -10.90
C36 E8T D . 22.43 5.03 -13.22
C1 E8T E . -14.92 -3.02 11.11
C2 E8T E . -15.38 -4.32 11.81
C3 E8T E . -14.09 -3.27 9.89
C4 E8T E . -16.18 -5.26 10.88
C6 E8T E . -17.24 -5.95 8.04
O5 E8T E . -16.27 -6.69 8.32
C7 E8T E . -17.76 -4.89 8.94
C8 E8T E . -17.31 -4.60 10.15
C9 E8T E . -16.20 -6.39 5.13
C10 E8T E . -17.34 -7.03 5.88
N11 E8T E . -17.86 -6.09 6.88
C12 E8T E . -16.59 -5.17 4.30
C13 E8T E . -13.70 -3.56 7.52
C14 E8T E . -14.54 -3.36 8.66
C15 E8T E . -13.41 -4.45 5.17
C16 E8T E . -14.17 -3.82 6.25
N17 E8T E . -14.19 -4.61 4.10
C18 E8T E . -15.53 -4.09 4.31
C19 E8T E . -15.45 -3.47 5.70
O20 E8T E . -12.22 -4.82 5.28
O21 E8T E . -16.38 -2.87 6.22
C22 E8T E . -16.21 -3.97 13.02
C23 E8T E . -15.47 -3.04 14.00
C24 E8T E . -15.12 -1.74 13.28
C25 E8T E . -14.22 -2.06 12.09
C26 E8T E . -16.68 -5.10 13.95
C27 E8T E . -17.13 -4.35 15.21
C28 E8T E . -16.46 -2.95 15.18
C29 E8T E . -16.66 -4.93 16.55
C30 E8T E . -16.62 -3.70 17.47
C31 E8T E . -15.91 -2.64 16.59
O32 E8T E . -14.53 -0.77 14.14
C33 E8T E . -16.08 -1.19 17.01
C34 E8T E . -16.08 -3.97 18.88
O35 E8T E . -12.39 -3.54 7.74
C36 E8T E . -16.85 -5.04 19.59
PA NAP F . -18.57 8.98 9.46
O1A NAP F . -19.45 9.77 10.38
O2A NAP F . -17.38 9.58 8.75
O5B NAP F . -19.53 8.19 8.42
C5B NAP F . -20.55 8.88 7.69
C4B NAP F . -20.04 10.26 7.27
O4B NAP F . -19.25 10.22 6.07
C3B NAP F . -21.19 11.26 7.06
O3B NAP F . -21.30 12.12 8.15
C2B NAP F . -20.79 12.01 5.77
O2B NAP F . -20.31 13.22 6.23
C1B NAP F . -19.58 11.26 5.19
N9A NAP F . -19.68 10.83 3.80
C8A NAP F . -20.65 10.10 3.16
N7A NAP F . -20.42 9.89 1.89
C5A NAP F . -19.22 10.52 1.66
C6A NAP F . -18.41 10.66 0.51
N6A NAP F . -18.75 10.15 -0.68
N1A NAP F . -17.27 11.34 0.63
C2A NAP F . -16.93 11.86 1.83
N3A NAP F . -17.59 11.80 2.98
C4A NAP F . -18.74 11.11 2.84
O3 NAP F . -17.91 7.73 10.26
PN NAP F . -16.74 7.80 11.40
O1N NAP F . -17.31 7.29 12.69
O2N NAP F . -15.98 9.10 11.23
O5D NAP F . -15.76 6.61 10.83
C5D NAP F . -15.03 6.74 9.64
C4D NAP F . -15.13 5.55 8.69
O4D NAP F . -14.21 4.51 9.11
C3D NAP F . -16.48 4.85 8.58
O3D NAP F . -16.59 4.43 7.24
C2D NAP F . -16.30 3.62 9.51
O2D NAP F . -17.14 2.55 9.22
C1D NAP F . -14.82 3.29 9.21
N1N NAP F . -14.09 2.52 10.28
C2N NAP F . -13.11 1.67 9.96
C3N NAP F . -12.42 0.99 10.96
C7N NAP F . -11.31 0.01 10.62
O7N NAP F . -10.70 -0.58 11.50
N7N NAP F . -11.06 -0.13 9.32
C4N NAP F . -12.75 1.21 12.28
C5N NAP F . -13.77 2.10 12.58
C6N NAP F . -14.42 2.75 11.55
P2B NAP F . -21.14 14.66 5.77
O1X NAP F . -21.75 14.35 4.41
O2X NAP F . -22.14 14.81 6.93
O3X NAP F . -19.94 15.59 5.78
#